data_2VVO
#
_entry.id   2VVO
#
_cell.length_a   152.744
_cell.length_b   92.501
_cell.length_c   60.967
_cell.angle_alpha   90.00
_cell.angle_beta   98.92
_cell.angle_gamma   90.00
#
_symmetry.space_group_name_H-M   'C 1 2 1'
#
loop_
_entity.id
_entity.type
_entity.pdbx_description
1 polymer 'RIBOSE-5-PHOSPHATE ISOMERASE B'
2 non-polymer 6-O-phosphono-alpha-D-allopyranose
3 water water
#
_entity_poly.entity_id   1
_entity_poly.type   'polypeptide(L)'
_entity_poly.pdbx_seq_one_letter_code
;MSGMRVYLGADHAGYELKQRIIEHLKQTGHEPIDCGALRYDADDDYPAFCIAAATRTVADPGSLGIVLGGSGNGEQIAAN
KVPGARCALAWSVQTAALAREHNNAQLIGIGGRMHTVAEALAIVDAFVTTPWSKAQRHQRRIDILAEYERTHEAPPVPGA
PA
;
_entity_poly.pdbx_strand_id   A,B,C,D,E
#
loop_
_chem_comp.id
_chem_comp.type
_chem_comp.name
_chem_comp.formula
A6P D-saccharide, alpha linking 6-O-phosphono-alpha-D-allopyranose 'C6 H13 O9 P'
#
# COMPACT_ATOMS: atom_id res chain seq x y z
N GLY A 3 -4.55 21.26 -14.55
CA GLY A 3 -3.50 20.92 -13.53
C GLY A 3 -3.60 19.45 -13.17
N MET A 4 -2.61 18.66 -13.61
CA MET A 4 -2.57 17.24 -13.32
C MET A 4 -1.52 16.99 -12.24
N ARG A 5 -1.81 16.04 -11.37
CA ARG A 5 -0.78 15.45 -10.54
C ARG A 5 -0.04 14.38 -11.35
N VAL A 6 1.30 14.46 -11.30
CA VAL A 6 2.13 13.58 -12.08
C VAL A 6 3.22 13.02 -11.17
N TYR A 7 3.18 11.71 -10.93
CA TYR A 7 4.22 11.03 -10.18
C TYR A 7 5.39 10.73 -11.09
N LEU A 8 6.58 11.14 -10.70
CA LEU A 8 7.73 10.88 -11.55
C LEU A 8 8.71 9.91 -10.89
N GLY A 9 9.20 8.93 -11.67
CA GLY A 9 10.21 7.97 -11.22
C GLY A 9 11.32 7.89 -12.26
N ALA A 10 12.58 7.85 -11.81
CA ALA A 10 13.71 7.72 -12.74
C ALA A 10 14.89 7.01 -12.08
N ASP A 11 15.65 6.30 -12.88
CA ASP A 11 17.00 5.89 -12.44
C ASP A 11 18.02 6.98 -12.82
N HIS A 12 19.29 6.68 -12.59
CA HIS A 12 20.38 7.59 -12.96
C HIS A 12 20.37 8.07 -14.41
N ALA A 13 19.93 7.20 -15.34
CA ALA A 13 19.91 7.53 -16.76
C ALA A 13 18.80 8.53 -17.09
N GLY A 14 17.72 8.54 -16.31
CA GLY A 14 16.63 9.47 -16.54
C GLY A 14 16.64 10.64 -15.58
N TYR A 15 17.63 10.66 -14.69
CA TYR A 15 17.62 11.56 -13.54
C TYR A 15 17.61 13.06 -13.92
N GLU A 16 18.51 13.47 -14.81
CA GLU A 16 18.61 14.88 -15.21
C GLU A 16 17.38 15.30 -16.02
N LEU A 17 16.88 14.42 -16.88
CA LEU A 17 15.60 14.70 -17.56
C LEU A 17 14.40 14.81 -16.61
N LYS A 18 14.35 13.95 -15.59
CA LYS A 18 13.33 14.02 -14.57
C LYS A 18 13.33 15.39 -13.88
N GLN A 19 14.51 15.87 -13.54
CA GLN A 19 14.66 17.20 -12.95
C GLN A 19 14.10 18.31 -13.87
N ARG A 20 14.42 18.25 -15.17
CA ARG A 20 13.91 19.21 -16.15
C ARG A 20 12.40 19.12 -16.31
N ILE A 21 11.86 17.90 -16.27
CA ILE A 21 10.40 17.69 -16.37
C ILE A 21 9.67 18.20 -15.14
N ILE A 22 10.26 18.03 -13.97
CA ILE A 22 9.66 18.57 -12.73
C ILE A 22 9.48 20.09 -12.87
N GLU A 23 10.56 20.77 -13.26
CA GLU A 23 10.57 22.22 -13.48
C GLU A 23 9.54 22.61 -14.53
N HIS A 24 9.52 21.90 -15.64
CA HIS A 24 8.58 22.18 -16.71
C HIS A 24 7.12 22.06 -16.25
N LEU A 25 6.81 20.96 -15.57
CA LEU A 25 5.45 20.73 -15.06
C LEU A 25 5.02 21.80 -14.06
N LYS A 26 5.91 22.17 -13.15
CA LYS A 26 5.66 23.29 -12.21
C LYS A 26 5.34 24.58 -12.99
N GLN A 27 6.17 24.90 -13.96
CA GLN A 27 6.00 26.12 -14.74
C GLN A 27 4.77 26.12 -15.64
N THR A 28 4.20 24.94 -15.91
CA THR A 28 3.00 24.84 -16.76
C THR A 28 1.71 24.55 -16.01
N GLY A 29 1.73 24.68 -14.68
CA GLY A 29 0.52 24.60 -13.88
C GLY A 29 0.16 23.23 -13.29
N HIS A 30 1.08 22.27 -13.40
CA HIS A 30 0.81 20.89 -12.95
C HIS A 30 1.51 20.67 -11.62
N GLU A 31 1.32 19.48 -11.04
CA GLU A 31 1.81 19.16 -9.73
C GLU A 31 2.68 17.89 -9.81
N PRO A 32 3.98 18.08 -10.10
CA PRO A 32 4.89 16.93 -10.06
C PRO A 32 5.22 16.43 -8.65
N ILE A 33 5.24 15.12 -8.48
CA ILE A 33 5.60 14.48 -7.25
C ILE A 33 6.76 13.52 -7.55
N ASP A 34 7.90 13.79 -6.95
CA ASP A 34 9.11 13.03 -7.23
C ASP A 34 9.19 11.77 -6.36
N CYS A 35 9.19 10.61 -6.99
CA CYS A 35 9.26 9.34 -6.30
C CYS A 35 10.70 8.82 -6.20
N GLY A 36 11.61 9.56 -6.76
CA GLY A 36 13.03 9.19 -6.81
C GLY A 36 13.40 8.67 -8.19
N ALA A 37 14.68 8.51 -8.48
CA ALA A 37 15.80 8.81 -7.58
C ALA A 37 15.89 10.27 -7.23
N LEU A 38 16.19 10.56 -5.96
CA LEU A 38 16.35 11.95 -5.51
C LEU A 38 17.76 12.50 -5.70
N ARG A 39 18.72 11.66 -6.10
CA ARG A 39 20.03 12.12 -6.51
C ARG A 39 20.56 11.22 -7.63
N TYR A 40 21.63 11.65 -8.25
CA TYR A 40 22.31 10.81 -9.23
C TYR A 40 23.18 9.75 -8.55
N ASP A 41 22.85 8.50 -8.81
CA ASP A 41 23.64 7.33 -8.40
C ASP A 41 23.85 6.44 -9.64
N ALA A 42 25.05 6.48 -10.20
CA ALA A 42 25.35 5.86 -11.49
C ALA A 42 25.02 4.37 -11.63
N ASP A 43 25.00 3.66 -10.50
CA ASP A 43 24.78 2.23 -10.48
C ASP A 43 23.37 1.82 -10.05
N ASP A 44 22.48 2.79 -9.85
CA ASP A 44 21.16 2.44 -9.33
C ASP A 44 20.25 1.70 -10.36
N ASP A 45 19.22 1.07 -9.82
CA ASP A 45 18.44 0.05 -10.53
C ASP A 45 17.03 0.59 -10.74
N TYR A 46 16.61 0.74 -12.00
CA TYR A 46 15.31 1.37 -12.32
C TYR A 46 14.02 0.73 -11.71
N PRO A 47 13.94 -0.63 -11.56
CA PRO A 47 12.64 -1.17 -11.14
C PRO A 47 11.99 -0.56 -9.93
N ALA A 48 12.75 -0.31 -8.87
CA ALA A 48 12.14 0.25 -7.63
C ALA A 48 11.43 1.56 -7.91
N PHE A 49 12.04 2.45 -8.70
CA PHE A 49 11.47 3.78 -8.95
C PHE A 49 10.25 3.73 -9.86
N CYS A 50 10.28 2.81 -10.82
CA CYS A 50 9.18 2.61 -11.75
C CYS A 50 7.94 2.04 -11.05
N ILE A 51 8.19 1.06 -10.21
CA ILE A 51 7.14 0.42 -9.40
C ILE A 51 6.58 1.42 -8.41
N ALA A 52 7.44 2.25 -7.83
CA ALA A 52 7.01 3.29 -6.91
C ALA A 52 6.02 4.26 -7.60
N ALA A 53 6.44 4.80 -8.75
CA ALA A 53 5.65 5.76 -9.52
C ALA A 53 4.32 5.13 -9.97
N ALA A 54 4.37 3.90 -10.50
CA ALA A 54 3.18 3.21 -10.99
C ALA A 54 2.21 2.90 -9.86
N THR A 55 2.73 2.44 -8.72
CA THR A 55 1.92 2.10 -7.56
C THR A 55 1.20 3.37 -7.08
N ARG A 56 1.94 4.45 -6.93
CA ARG A 56 1.31 5.72 -6.51
C ARG A 56 0.22 6.19 -7.47
N THR A 57 0.48 6.06 -8.76
CA THR A 57 -0.44 6.52 -9.79
C THR A 57 -1.73 5.70 -9.76
N VAL A 58 -1.61 4.38 -9.73
CA VAL A 58 -2.79 3.51 -9.61
C VAL A 58 -3.57 3.77 -8.27
N ALA A 59 -2.84 4.09 -7.20
CA ALA A 59 -3.43 4.34 -5.85
C ALA A 59 -4.15 5.69 -5.76
N ASP A 60 -3.92 6.54 -6.77
CA ASP A 60 -4.41 7.92 -6.82
C ASP A 60 -5.17 8.14 -8.14
N PRO A 61 -6.37 7.54 -8.26
CA PRO A 61 -7.08 7.56 -9.52
C PRO A 61 -7.35 8.98 -9.98
N GLY A 62 -7.05 9.27 -11.25
CA GLY A 62 -7.07 10.62 -11.76
C GLY A 62 -5.70 11.26 -11.94
N SER A 63 -4.67 10.69 -11.32
CA SER A 63 -3.30 11.14 -11.49
C SER A 63 -2.65 10.44 -12.69
N LEU A 64 -1.48 10.92 -13.03
CA LEU A 64 -0.70 10.36 -14.13
C LEU A 64 0.70 10.10 -13.55
N GLY A 65 1.51 9.37 -14.30
CA GLY A 65 2.87 9.08 -13.91
C GLY A 65 3.76 9.07 -15.13
N ILE A 66 5.04 9.36 -14.92
CA ILE A 66 6.07 9.29 -15.97
C ILE A 66 7.29 8.56 -15.37
N VAL A 67 7.79 7.59 -16.10
CA VAL A 67 8.99 6.87 -15.70
C VAL A 67 10.08 7.08 -16.74
N LEU A 68 11.29 7.38 -16.25
CA LEU A 68 12.37 7.82 -17.09
C LEU A 68 13.63 7.01 -16.82
N GLY A 69 14.27 6.58 -17.89
CA GLY A 69 15.59 5.95 -17.83
C GLY A 69 16.29 6.20 -19.13
N GLY A 70 17.15 5.27 -19.53
CA GLY A 70 17.95 5.43 -20.72
C GLY A 70 17.17 5.21 -21.99
N SER A 71 16.58 4.03 -22.10
CA SER A 71 15.86 3.61 -23.31
C SER A 71 14.33 3.73 -23.19
N GLY A 72 13.82 3.82 -21.96
CA GLY A 72 12.36 3.84 -21.71
C GLY A 72 11.68 2.46 -21.59
N ASN A 73 12.29 1.42 -22.20
CA ASN A 73 11.63 0.12 -22.31
C ASN A 73 11.62 -0.72 -21.05
N GLY A 74 12.76 -0.83 -20.38
CA GLY A 74 12.82 -1.49 -19.07
C GLY A 74 11.87 -0.82 -18.07
N GLU A 75 11.85 0.51 -18.08
CA GLU A 75 11.03 1.35 -17.19
C GLU A 75 9.54 1.11 -17.39
N GLN A 76 9.08 1.01 -18.64
CA GLN A 76 7.65 0.75 -18.91
C GLN A 76 7.29 -0.70 -18.59
N ILE A 77 8.21 -1.63 -18.87
CA ILE A 77 8.00 -3.04 -18.54
C ILE A 77 7.76 -3.20 -17.03
N ALA A 78 8.63 -2.55 -16.24
CA ALA A 78 8.55 -2.57 -14.79
C ALA A 78 7.20 -1.98 -14.31
N ALA A 79 6.86 -0.80 -14.83
CA ALA A 79 5.60 -0.14 -14.46
C ALA A 79 4.36 -1.00 -14.75
N ASN A 80 4.37 -1.68 -15.90
CA ASN A 80 3.27 -2.56 -16.29
C ASN A 80 3.09 -3.82 -15.42
N LYS A 81 4.07 -4.16 -14.60
CA LYS A 81 3.92 -5.23 -13.63
C LYS A 81 3.09 -4.86 -12.42
N VAL A 82 2.86 -3.57 -12.20
CA VAL A 82 1.98 -3.12 -11.11
C VAL A 82 0.49 -3.35 -11.52
N PRO A 83 -0.24 -4.12 -10.69
CA PRO A 83 -1.67 -4.35 -10.96
C PRO A 83 -2.43 -3.07 -11.22
N GLY A 84 -3.17 -3.04 -12.33
CA GLY A 84 -3.96 -1.88 -12.70
C GLY A 84 -3.23 -0.82 -13.52
N ALA A 85 -1.89 -0.91 -13.64
CA ALA A 85 -1.14 0.09 -14.33
C ALA A 85 -1.14 -0.19 -15.84
N ARG A 86 -1.24 0.88 -16.62
CA ARG A 86 -1.08 0.80 -18.08
C ARG A 86 -0.03 1.84 -18.45
N CYS A 87 1.17 1.34 -18.78
CA CYS A 87 2.28 2.21 -19.10
C CYS A 87 2.73 2.09 -20.55
N ALA A 88 2.48 3.15 -21.31
CA ALA A 88 2.89 3.22 -22.73
C ALA A 88 4.35 3.64 -22.83
N LEU A 89 5.02 3.29 -23.93
CA LEU A 89 6.30 3.92 -24.25
C LEU A 89 6.01 5.10 -25.18
N ALA A 90 6.29 6.32 -24.71
CA ALA A 90 6.05 7.51 -25.50
C ALA A 90 7.37 7.84 -26.18
N TRP A 91 7.38 7.74 -27.51
CA TRP A 91 8.57 8.12 -28.29
C TRP A 91 8.32 9.30 -29.24
N SER A 92 7.12 9.85 -29.17
CA SER A 92 6.72 10.97 -30.02
C SER A 92 5.54 11.67 -29.40
N VAL A 93 5.25 12.86 -29.86
CA VAL A 93 4.03 13.51 -29.47
C VAL A 93 2.77 12.69 -29.80
N GLN A 94 2.74 12.08 -30.98
CA GLN A 94 1.63 11.27 -31.40
C GLN A 94 1.43 10.05 -30.49
N THR A 95 2.51 9.35 -30.16
CA THR A 95 2.35 8.16 -29.31
C THR A 95 1.96 8.51 -27.86
N ALA A 96 2.43 9.64 -27.36
CA ALA A 96 2.01 10.13 -26.02
C ALA A 96 0.50 10.43 -26.05
N ALA A 97 0.04 11.11 -27.10
CA ALA A 97 -1.39 11.43 -27.25
C ALA A 97 -2.27 10.17 -27.38
N LEU A 98 -1.86 9.26 -28.25
CA LEU A 98 -2.59 8.00 -28.45
C LEU A 98 -2.62 7.16 -27.16
N ALA A 99 -1.54 7.18 -26.36
CA ALA A 99 -1.49 6.45 -25.07
C ALA A 99 -2.66 6.90 -24.19
N ARG A 100 -2.92 8.23 -24.16
CA ARG A 100 -4.07 8.75 -23.41
C ARG A 100 -5.41 8.42 -24.09
N GLU A 101 -5.50 8.76 -25.38
CA GLU A 101 -6.76 8.73 -26.12
C GLU A 101 -7.31 7.31 -26.31
N HIS A 102 -6.42 6.36 -26.60
CA HIS A 102 -6.80 4.98 -26.87
C HIS A 102 -6.61 4.02 -25.71
N ASN A 103 -5.52 4.16 -24.95
CA ASN A 103 -5.20 3.16 -23.93
C ASN A 103 -5.55 3.60 -22.51
N ASN A 104 -6.08 4.82 -22.38
CA ASN A 104 -6.21 5.50 -21.10
C ASN A 104 -4.97 5.21 -20.22
N ALA A 105 -3.78 5.35 -20.81
CA ALA A 105 -2.57 5.00 -20.08
C ALA A 105 -2.38 6.00 -18.95
N GLN A 106 -2.21 5.52 -17.74
CA GLN A 106 -1.94 6.43 -16.61
C GLN A 106 -0.49 6.89 -16.57
N LEU A 107 0.38 6.13 -17.23
CA LEU A 107 1.79 6.37 -17.25
C LEU A 107 2.37 6.24 -18.64
N ILE A 108 3.46 6.96 -18.82
CA ILE A 108 4.33 6.72 -19.95
C ILE A 108 5.78 6.57 -19.46
N GLY A 109 6.54 5.83 -20.24
CA GLY A 109 7.97 5.84 -20.10
C GLY A 109 8.57 6.63 -21.22
N ILE A 110 9.70 7.28 -20.95
CA ILE A 110 10.45 8.08 -21.93
C ILE A 110 11.93 7.69 -21.78
N GLY A 111 12.57 7.38 -22.89
CA GLY A 111 14.00 7.08 -22.88
C GLY A 111 14.77 8.38 -22.98
N GLY A 112 15.34 8.81 -21.87
CA GLY A 112 16.14 10.04 -21.84
C GLY A 112 17.30 10.10 -22.84
N ARG A 113 17.84 8.94 -23.24
CA ARG A 113 18.92 8.88 -24.21
C ARG A 113 18.42 8.91 -25.65
N MET A 114 17.11 8.87 -25.87
CA MET A 114 16.55 8.77 -27.21
C MET A 114 16.04 10.12 -27.73
N HIS A 115 15.95 11.14 -26.89
CA HIS A 115 15.37 12.40 -27.30
C HIS A 115 16.18 13.58 -26.78
N THR A 116 16.10 14.71 -27.46
CA THR A 116 16.54 15.99 -26.89
C THR A 116 15.57 16.43 -25.80
N VAL A 117 15.98 17.36 -24.95
CA VAL A 117 15.10 17.86 -23.91
C VAL A 117 13.79 18.40 -24.49
N ALA A 118 13.89 19.18 -25.56
CA ALA A 118 12.74 19.81 -26.18
C ALA A 118 11.73 18.79 -26.70
N GLU A 119 12.25 17.73 -27.32
CA GLU A 119 11.43 16.64 -27.80
C GLU A 119 10.72 15.96 -26.63
N ALA A 120 11.48 15.67 -25.56
CA ALA A 120 10.93 15.06 -24.35
C ALA A 120 9.86 15.92 -23.69
N LEU A 121 10.06 17.23 -23.65
CA LEU A 121 9.07 18.10 -23.06
C LEU A 121 7.79 18.23 -23.89
N ALA A 122 7.92 18.22 -25.22
CA ALA A 122 6.79 18.12 -26.12
C ALA A 122 6.00 16.82 -25.90
N ILE A 123 6.69 15.71 -25.72
CA ILE A 123 6.02 14.44 -25.36
C ILE A 123 5.21 14.54 -24.05
N VAL A 124 5.85 15.07 -23.01
CA VAL A 124 5.21 15.35 -21.72
C VAL A 124 3.96 16.20 -21.89
N ASP A 125 4.07 17.28 -22.67
CA ASP A 125 2.92 18.16 -22.94
C ASP A 125 1.71 17.43 -23.54
N ALA A 126 1.96 16.62 -24.56
CA ALA A 126 0.95 15.81 -25.21
C ALA A 126 0.31 14.86 -24.18
N PHE A 127 1.16 14.21 -23.39
CA PHE A 127 0.69 13.28 -22.36
C PHE A 127 -0.22 13.93 -21.31
N VAL A 128 0.15 15.07 -20.78
CA VAL A 128 -0.61 15.64 -19.68
C VAL A 128 -1.83 16.45 -20.13
N THR A 129 -1.94 16.73 -21.41
CA THR A 129 -3.06 17.53 -21.92
C THR A 129 -4.05 16.75 -22.79
N THR A 130 -3.73 15.54 -23.24
CA THR A 130 -4.63 14.78 -24.14
C THR A 130 -5.65 14.00 -23.33
N PRO A 131 -6.96 14.24 -23.58
CA PRO A 131 -7.98 13.45 -22.86
C PRO A 131 -8.14 12.01 -23.32
N TRP A 132 -8.52 11.15 -22.38
CA TRP A 132 -9.00 9.79 -22.62
C TRP A 132 -10.31 9.89 -23.40
N SER A 133 -10.41 9.16 -24.53
CA SER A 133 -11.58 9.27 -25.42
C SER A 133 -12.87 8.74 -24.79
N LYS A 134 -12.71 7.71 -23.95
CA LYS A 134 -13.82 6.93 -23.40
C LYS A 134 -14.59 6.12 -24.47
N ALA A 135 -14.01 5.95 -25.67
CA ALA A 135 -14.71 5.21 -26.73
C ALA A 135 -14.92 3.76 -26.30
N GLN A 136 -16.12 3.23 -26.61
CA GLN A 136 -16.51 1.89 -26.17
C GLN A 136 -15.49 0.79 -26.48
N ARG A 137 -14.90 0.79 -27.67
CA ARG A 137 -14.00 -0.31 -28.03
C ARG A 137 -12.71 -0.27 -27.21
N HIS A 138 -12.24 0.94 -26.91
CA HIS A 138 -11.04 1.13 -26.15
C HIS A 138 -11.30 0.67 -24.70
N GLN A 139 -12.44 1.06 -24.14
CA GLN A 139 -12.82 0.65 -22.80
C GLN A 139 -12.94 -0.87 -22.70
N ARG A 140 -13.57 -1.47 -23.71
CA ARG A 140 -13.71 -2.93 -23.76
C ARG A 140 -12.34 -3.64 -23.71
N ARG A 141 -11.40 -3.14 -24.49
CA ARG A 141 -10.05 -3.76 -24.53
C ARG A 141 -9.32 -3.61 -23.18
N ILE A 142 -9.44 -2.45 -22.55
CA ILE A 142 -8.86 -2.22 -21.20
C ILE A 142 -9.50 -3.13 -20.14
N ASP A 143 -10.80 -3.34 -20.27
CA ASP A 143 -11.59 -4.24 -19.40
C ASP A 143 -11.16 -5.68 -19.52
N ILE A 144 -10.92 -6.11 -20.76
CA ILE A 144 -10.48 -7.48 -21.05
C ILE A 144 -9.13 -7.67 -20.38
N LEU A 145 -8.22 -6.72 -20.57
CA LEU A 145 -6.93 -6.79 -19.91
C LEU A 145 -7.05 -6.81 -18.38
N ALA A 146 -7.92 -5.95 -17.84
CA ALA A 146 -8.10 -5.85 -16.38
C ALA A 146 -8.59 -7.20 -15.83
N GLU A 147 -9.49 -7.85 -16.56
CA GLU A 147 -9.99 -9.15 -16.16
C GLU A 147 -8.88 -10.18 -16.18
N TYR A 148 -8.05 -10.17 -17.22
CA TYR A 148 -6.92 -11.08 -17.27
C TYR A 148 -6.01 -10.88 -16.07
N GLU A 149 -5.70 -9.63 -15.74
CA GLU A 149 -4.90 -9.35 -14.55
C GLU A 149 -5.50 -9.96 -13.28
N ARG A 150 -6.82 -9.96 -13.18
CA ARG A 150 -7.51 -10.45 -11.97
C ARG A 150 -7.40 -11.97 -11.85
N THR A 151 -7.43 -12.68 -12.97
CA THR A 151 -7.58 -14.14 -12.98
C THR A 151 -6.42 -14.92 -13.59
N HIS A 152 -5.60 -14.25 -14.40
CA HIS A 152 -4.60 -14.85 -15.27
C HIS A 152 -5.12 -16.01 -16.13
N GLU A 153 -6.39 -15.95 -16.51
CA GLU A 153 -6.94 -16.83 -17.54
C GLU A 153 -6.91 -16.14 -18.89
N ALA A 154 -6.08 -16.67 -19.79
CA ALA A 154 -5.91 -16.12 -21.12
C ALA A 154 -7.26 -16.10 -21.82
N PRO A 155 -7.69 -14.93 -22.32
CA PRO A 155 -8.94 -14.90 -23.07
C PRO A 155 -8.84 -15.77 -24.34
N PRO A 156 -9.92 -16.46 -24.71
CA PRO A 156 -9.84 -17.29 -25.93
C PRO A 156 -9.59 -16.46 -27.22
N VAL A 157 -8.81 -17.03 -28.14
CA VAL A 157 -8.64 -16.45 -29.47
C VAL A 157 -9.64 -17.15 -30.40
N PRO A 158 -10.38 -16.38 -31.21
CA PRO A 158 -11.45 -16.94 -32.07
C PRO A 158 -11.06 -18.25 -32.77
N GLY B 3 18.58 -19.57 -36.33
CA GLY B 3 17.11 -19.53 -36.55
C GLY B 3 16.30 -19.52 -35.24
N MET B 4 15.53 -18.44 -35.03
CA MET B 4 14.67 -18.29 -33.85
C MET B 4 13.25 -18.78 -34.11
N ARG B 5 12.62 -19.28 -33.05
CA ARG B 5 11.20 -19.46 -33.01
C ARG B 5 10.57 -18.15 -32.57
N VAL B 6 9.56 -17.71 -33.30
CA VAL B 6 8.91 -16.43 -33.05
C VAL B 6 7.39 -16.60 -33.06
N TYR B 7 6.76 -16.45 -31.90
CA TYR B 7 5.31 -16.42 -31.76
C TYR B 7 4.75 -15.02 -32.13
N LEU B 8 3.80 -14.98 -33.05
CA LEU B 8 3.23 -13.72 -33.53
C LEU B 8 1.77 -13.60 -33.18
N GLY B 9 1.39 -12.45 -32.63
CA GLY B 9 0.00 -12.14 -32.40
C GLY B 9 -0.31 -10.76 -32.98
N ALA B 10 -1.53 -10.59 -33.45
CA ALA B 10 -1.97 -9.32 -34.03
C ALA B 10 -3.48 -9.18 -34.02
N ASP B 11 -3.93 -7.95 -33.90
CA ASP B 11 -5.33 -7.64 -34.14
C ASP B 11 -5.46 -7.16 -35.59
N HIS B 12 -6.64 -6.67 -35.94
CA HIS B 12 -6.93 -6.25 -37.29
C HIS B 12 -5.95 -5.17 -37.82
N ALA B 13 -5.49 -4.29 -36.92
CA ALA B 13 -4.61 -3.19 -37.28
C ALA B 13 -3.19 -3.67 -37.62
N GLY B 14 -2.79 -4.83 -37.10
CA GLY B 14 -1.44 -5.39 -37.31
C GLY B 14 -1.46 -6.60 -38.23
N TYR B 15 -2.67 -6.95 -38.69
CA TYR B 15 -2.92 -8.20 -39.39
C TYR B 15 -2.11 -8.31 -40.68
N GLU B 16 -2.22 -7.30 -41.55
CA GLU B 16 -1.45 -7.33 -42.79
C GLU B 16 0.04 -7.30 -42.52
N LEU B 17 0.49 -6.47 -41.58
CA LEU B 17 1.93 -6.45 -41.24
C LEU B 17 2.41 -7.83 -40.74
N LYS B 18 1.63 -8.46 -39.87
CA LYS B 18 1.91 -9.83 -39.39
C LYS B 18 2.17 -10.81 -40.54
N GLN B 19 1.30 -10.82 -41.55
CA GLN B 19 1.44 -11.78 -42.68
C GLN B 19 2.74 -11.54 -43.41
N ARG B 20 3.10 -10.27 -43.51
CA ARG B 20 4.33 -9.85 -44.12
C ARG B 20 5.56 -10.26 -43.31
N ILE B 21 5.48 -10.10 -41.99
CA ILE B 21 6.52 -10.55 -41.10
C ILE B 21 6.66 -12.10 -41.12
N ILE B 22 5.54 -12.82 -41.12
CA ILE B 22 5.58 -14.29 -41.23
C ILE B 22 6.39 -14.71 -42.49
N GLU B 23 6.06 -14.09 -43.63
CA GLU B 23 6.77 -14.33 -44.90
C GLU B 23 8.26 -14.04 -44.75
N HIS B 24 8.58 -12.88 -44.16
CA HIS B 24 9.94 -12.44 -44.00
C HIS B 24 10.74 -13.41 -43.13
N LEU B 25 10.16 -13.79 -41.99
CA LEU B 25 10.81 -14.73 -41.06
C LEU B 25 11.07 -16.09 -41.70
N LYS B 26 10.08 -16.61 -42.41
CA LYS B 26 10.29 -17.84 -43.19
C LYS B 26 11.46 -17.68 -44.16
N GLN B 27 11.43 -16.64 -44.98
CA GLN B 27 12.48 -16.37 -45.97
C GLN B 27 13.88 -16.12 -45.40
N THR B 28 13.97 -15.73 -44.12
CA THR B 28 15.27 -15.44 -43.52
C THR B 28 15.74 -16.54 -42.55
N GLY B 29 15.06 -17.67 -42.55
CA GLY B 29 15.54 -18.86 -41.84
C GLY B 29 15.05 -19.05 -40.43
N HIS B 30 13.93 -18.39 -40.08
CA HIS B 30 13.36 -18.43 -38.74
C HIS B 30 12.09 -19.24 -38.74
N GLU B 31 11.49 -19.41 -37.57
CA GLU B 31 10.34 -20.25 -37.45
C GLU B 31 9.17 -19.49 -36.84
N PRO B 32 8.39 -18.79 -37.69
CA PRO B 32 7.23 -18.09 -37.14
C PRO B 32 6.06 -19.02 -36.77
N ILE B 33 5.34 -18.67 -35.71
CA ILE B 33 4.17 -19.42 -35.27
C ILE B 33 3.07 -18.40 -35.03
N ASP B 34 2.01 -18.50 -35.83
CA ASP B 34 0.90 -17.53 -35.80
C ASP B 34 -0.11 -17.84 -34.71
N CYS B 35 -0.26 -16.93 -33.76
CA CYS B 35 -1.25 -17.11 -32.70
C CYS B 35 -2.58 -16.42 -33.02
N GLY B 36 -2.71 -15.88 -34.22
CA GLY B 36 -3.91 -15.11 -34.57
C GLY B 36 -3.64 -13.61 -34.45
N ALA B 37 -4.48 -12.75 -35.01
CA ALA B 37 -5.68 -13.12 -35.79
C ALA B 37 -5.35 -13.82 -37.10
N LEU B 38 -6.16 -14.81 -37.41
CA LEU B 38 -5.99 -15.59 -38.65
C LEU B 38 -6.75 -14.98 -39.83
N ARG B 39 -7.66 -14.05 -39.57
CA ARG B 39 -8.27 -13.27 -40.64
C ARG B 39 -8.42 -11.80 -40.21
N TYR B 40 -8.64 -10.93 -41.18
CA TYR B 40 -8.99 -9.55 -40.87
C TYR B 40 -10.40 -9.46 -40.28
N ASP B 41 -10.50 -8.95 -39.06
CA ASP B 41 -11.77 -8.65 -38.46
C ASP B 41 -11.63 -7.26 -37.88
N ALA B 42 -12.24 -6.28 -38.55
CA ALA B 42 -12.09 -4.87 -38.21
C ALA B 42 -12.39 -4.49 -36.75
N ASP B 43 -13.22 -5.27 -36.08
CA ASP B 43 -13.68 -4.96 -34.75
C ASP B 43 -12.98 -5.77 -33.64
N ASP B 44 -12.06 -6.65 -34.02
CA ASP B 44 -11.45 -7.52 -33.02
C ASP B 44 -10.55 -6.80 -32.01
N ASP B 45 -10.31 -7.48 -30.88
CA ASP B 45 -9.73 -6.88 -29.67
C ASP B 45 -8.35 -7.47 -29.41
N TYR B 46 -7.34 -6.59 -29.43
CA TYR B 46 -5.93 -7.01 -29.33
C TYR B 46 -5.53 -7.87 -28.09
N PRO B 47 -6.11 -7.64 -26.88
CA PRO B 47 -5.57 -8.34 -25.69
C PRO B 47 -5.42 -9.85 -25.81
N ALA B 48 -6.43 -10.55 -26.32
CA ALA B 48 -6.35 -12.01 -26.41
C ALA B 48 -5.16 -12.46 -27.27
N PHE B 49 -4.91 -11.78 -28.39
CA PHE B 49 -3.83 -12.18 -29.31
C PHE B 49 -2.44 -11.91 -28.72
N CYS B 50 -2.33 -10.78 -28.02
CA CYS B 50 -1.09 -10.41 -27.35
C CYS B 50 -0.75 -11.31 -26.16
N ILE B 51 -1.78 -11.61 -25.35
CA ILE B 51 -1.66 -12.50 -24.19
C ILE B 51 -1.30 -13.89 -24.70
N ALA B 52 -1.94 -14.30 -25.80
CA ALA B 52 -1.63 -15.61 -26.41
C ALA B 52 -0.15 -15.72 -26.81
N ALA B 53 0.34 -14.78 -27.61
CA ALA B 53 1.72 -14.74 -28.04
C ALA B 53 2.68 -14.67 -26.83
N ALA B 54 2.40 -13.82 -25.85
CA ALA B 54 3.30 -13.65 -24.69
C ALA B 54 3.31 -14.93 -23.85
N THR B 55 2.14 -15.55 -23.69
CA THR B 55 2.00 -16.78 -22.91
C THR B 55 2.83 -17.91 -23.54
N ARG B 56 2.72 -18.05 -24.85
CA ARG B 56 3.41 -19.11 -25.60
C ARG B 56 4.91 -18.90 -25.54
N THR B 57 5.33 -17.64 -25.68
CA THR B 57 6.72 -17.27 -25.63
C THR B 57 7.37 -17.54 -24.27
N VAL B 58 6.70 -17.14 -23.19
CA VAL B 58 7.21 -17.39 -21.85
C VAL B 58 7.24 -18.91 -21.52
N ALA B 59 6.27 -19.62 -22.09
CA ALA B 59 6.12 -21.07 -21.89
C ALA B 59 7.15 -21.89 -22.67
N ASP B 60 7.83 -21.25 -23.62
CA ASP B 60 8.77 -21.92 -24.51
C ASP B 60 10.11 -21.17 -24.43
N PRO B 61 10.86 -21.36 -23.32
CA PRO B 61 12.13 -20.68 -23.08
C PRO B 61 13.04 -20.81 -24.27
N GLY B 62 13.65 -19.71 -24.70
CA GLY B 62 14.48 -19.67 -25.92
C GLY B 62 13.76 -19.08 -27.14
N SER B 63 12.44 -19.01 -27.10
CA SER B 63 11.66 -18.42 -28.18
C SER B 63 11.54 -16.92 -27.98
N LEU B 64 11.12 -16.26 -29.05
CA LEU B 64 10.80 -14.85 -29.01
C LEU B 64 9.36 -14.69 -29.47
N GLY B 65 8.83 -13.48 -29.31
CA GLY B 65 7.49 -13.17 -29.70
C GLY B 65 7.37 -11.73 -30.21
N ILE B 66 6.41 -11.52 -31.09
CA ILE B 66 6.14 -10.17 -31.65
C ILE B 66 4.63 -9.95 -31.64
N VAL B 67 4.20 -8.86 -31.01
CA VAL B 67 2.80 -8.49 -30.98
C VAL B 67 2.58 -7.20 -31.83
N LEU B 68 1.54 -7.21 -32.64
CA LEU B 68 1.31 -6.19 -33.67
C LEU B 68 -0.08 -5.60 -33.60
N GLY B 69 -0.15 -4.27 -33.60
CA GLY B 69 -1.44 -3.58 -33.66
C GLY B 69 -1.25 -2.26 -34.40
N GLY B 70 -2.09 -1.28 -34.09
CA GLY B 70 -1.99 0.03 -34.72
C GLY B 70 -0.83 0.85 -34.22
N SER B 71 -0.82 1.10 -32.92
CA SER B 71 0.16 1.98 -32.27
C SER B 71 1.26 1.22 -31.57
N GLY B 72 1.08 -0.09 -31.36
CA GLY B 72 2.06 -0.86 -30.58
C GLY B 72 1.91 -0.86 -29.06
N ASN B 73 1.37 0.22 -28.52
CA ASN B 73 1.40 0.41 -27.09
C ASN B 73 0.41 -0.43 -26.29
N GLY B 74 -0.86 -0.49 -26.73
CA GLY B 74 -1.82 -1.39 -26.09
C GLY B 74 -1.34 -2.84 -26.12
N GLU B 75 -0.69 -3.22 -27.21
CA GLU B 75 -0.23 -4.58 -27.43
C GLU B 75 0.87 -4.98 -26.47
N GLN B 76 1.86 -4.10 -26.27
CA GLN B 76 2.97 -4.39 -25.32
C GLN B 76 2.49 -4.35 -23.88
N ILE B 77 1.54 -3.45 -23.58
CA ILE B 77 0.91 -3.37 -22.23
C ILE B 77 0.25 -4.71 -21.90
N ALA B 78 -0.52 -5.27 -22.85
CA ALA B 78 -1.18 -6.56 -22.72
C ALA B 78 -0.16 -7.68 -22.52
N ALA B 79 0.84 -7.74 -23.39
CA ALA B 79 1.89 -8.75 -23.27
C ALA B 79 2.59 -8.72 -21.90
N ASN B 80 2.89 -7.50 -21.42
CA ASN B 80 3.55 -7.34 -20.14
C ASN B 80 2.75 -7.80 -18.92
N LYS B 81 1.43 -7.96 -19.07
CA LYS B 81 0.64 -8.52 -17.98
C LYS B 81 0.80 -10.03 -17.82
N VAL B 82 1.40 -10.70 -18.81
CA VAL B 82 1.68 -12.13 -18.69
C VAL B 82 2.86 -12.38 -17.74
N PRO B 83 2.66 -13.20 -16.68
CA PRO B 83 3.78 -13.38 -15.76
C PRO B 83 5.05 -13.90 -16.45
N GLY B 84 6.20 -13.28 -16.16
CA GLY B 84 7.49 -13.63 -16.73
C GLY B 84 7.82 -12.98 -18.06
N ALA B 85 6.82 -12.31 -18.68
CA ALA B 85 7.00 -11.67 -19.99
C ALA B 85 7.67 -10.31 -19.85
N ARG B 86 8.60 -10.02 -20.75
CA ARG B 86 9.17 -8.69 -20.86
C ARG B 86 8.95 -8.25 -22.30
N CYS B 87 8.03 -7.29 -22.48
CA CYS B 87 7.71 -6.84 -23.82
C CYS B 87 8.06 -5.37 -24.00
N ALA B 88 9.04 -5.14 -24.85
CA ALA B 88 9.46 -3.80 -25.26
C ALA B 88 8.61 -3.27 -26.42
N LEU B 89 8.48 -1.95 -26.48
CA LEU B 89 7.97 -1.28 -27.69
C LEU B 89 9.16 -0.97 -28.59
N ALA B 90 9.19 -1.60 -29.75
CA ALA B 90 10.27 -1.40 -30.73
C ALA B 90 9.77 -0.42 -31.76
N TRP B 91 10.34 0.78 -31.73
CA TRP B 91 10.00 1.84 -32.70
C TRP B 91 11.16 2.22 -33.62
N SER B 92 12.24 1.46 -33.53
CA SER B 92 13.47 1.73 -34.29
C SER B 92 14.36 0.50 -34.22
N VAL B 93 15.32 0.42 -35.15
CA VAL B 93 16.30 -0.64 -35.12
C VAL B 93 17.06 -0.62 -33.79
N GLN B 94 17.41 0.57 -33.32
CA GLN B 94 18.12 0.73 -32.06
C GLN B 94 17.31 0.19 -30.87
N THR B 95 16.01 0.47 -30.81
CA THR B 95 15.23 0.07 -29.64
C THR B 95 14.95 -1.43 -29.67
N ALA B 96 14.80 -1.99 -30.88
CA ALA B 96 14.69 -3.47 -31.05
C ALA B 96 15.93 -4.17 -30.51
N ALA B 97 17.09 -3.61 -30.84
CA ALA B 97 18.39 -4.15 -30.43
C ALA B 97 18.59 -4.07 -28.92
N LEU B 98 18.33 -2.89 -28.36
CA LEU B 98 18.49 -2.67 -26.92
C LEU B 98 17.48 -3.49 -26.09
N ALA B 99 16.29 -3.71 -26.61
CA ALA B 99 15.34 -4.59 -25.94
C ALA B 99 15.98 -5.96 -25.65
N ARG B 100 16.67 -6.52 -26.65
CA ARG B 100 17.38 -7.78 -26.43
C ARG B 100 18.62 -7.61 -25.54
N GLU B 101 19.46 -6.63 -25.89
CA GLU B 101 20.78 -6.49 -25.27
C GLU B 101 20.69 -6.15 -23.79
N HIS B 102 19.78 -5.25 -23.44
CA HIS B 102 19.66 -4.73 -22.08
C HIS B 102 18.55 -5.37 -21.25
N ASN B 103 17.39 -5.61 -21.87
CA ASN B 103 16.23 -6.04 -21.14
C ASN B 103 15.97 -7.55 -21.30
N ASN B 104 16.77 -8.25 -22.11
CA ASN B 104 16.48 -9.63 -22.50
C ASN B 104 14.97 -9.79 -22.76
N ALA B 105 14.41 -8.86 -23.49
CA ALA B 105 12.99 -8.86 -23.78
C ALA B 105 12.71 -10.05 -24.70
N GLN B 106 11.74 -10.89 -24.31
CA GLN B 106 11.36 -12.02 -25.17
C GLN B 106 10.40 -11.55 -26.26
N LEU B 107 9.73 -10.41 -26.04
CA LEU B 107 8.76 -9.88 -26.97
C LEU B 107 9.04 -8.43 -27.30
N ILE B 108 8.66 -8.06 -28.52
CA ILE B 108 8.45 -6.65 -28.88
C ILE B 108 7.05 -6.43 -29.43
N GLY B 109 6.54 -5.24 -29.17
CA GLY B 109 5.38 -4.73 -29.85
C GLY B 109 5.83 -3.79 -30.97
N ILE B 110 5.11 -3.81 -32.09
CA ILE B 110 5.35 -2.85 -33.18
C ILE B 110 4.00 -2.26 -33.56
N GLY B 111 3.98 -0.94 -33.78
CA GLY B 111 2.76 -0.25 -34.23
C GLY B 111 2.74 -0.22 -35.75
N GLY B 112 1.93 -1.07 -36.36
CA GLY B 112 1.82 -1.10 -37.82
C GLY B 112 1.51 0.22 -38.49
N ARG B 113 0.76 1.10 -37.84
CA ARG B 113 0.42 2.41 -38.40
C ARG B 113 1.54 3.44 -38.26
N MET B 114 2.62 3.06 -37.56
CA MET B 114 3.70 3.98 -37.24
C MET B 114 4.90 3.84 -38.16
N HIS B 115 4.96 2.78 -38.97
CA HIS B 115 6.13 2.46 -39.78
C HIS B 115 5.75 1.96 -41.18
N THR B 116 6.66 2.17 -42.13
CA THR B 116 6.57 1.51 -43.44
C THR B 116 6.89 0.04 -43.22
N VAL B 117 6.54 -0.81 -44.20
CA VAL B 117 6.83 -2.24 -44.10
C VAL B 117 8.32 -2.46 -43.99
N ALA B 118 9.10 -1.72 -44.79
CA ALA B 118 10.55 -1.89 -44.80
C ALA B 118 11.17 -1.48 -43.45
N GLU B 119 10.64 -0.43 -42.83
CA GLU B 119 11.08 -0.04 -41.51
C GLU B 119 10.74 -1.15 -40.50
N ALA B 120 9.54 -1.70 -40.58
CA ALA B 120 9.10 -2.76 -39.65
C ALA B 120 10.01 -3.99 -39.76
N LEU B 121 10.35 -4.37 -40.99
CA LEU B 121 11.13 -5.59 -41.19
C LEU B 121 12.55 -5.46 -40.70
N ALA B 122 13.10 -4.24 -40.76
CA ALA B 122 14.43 -3.91 -40.24
C ALA B 122 14.43 -3.96 -38.70
N ILE B 123 13.32 -3.51 -38.12
CA ILE B 123 13.07 -3.66 -36.67
C ILE B 123 13.03 -5.14 -36.29
N VAL B 124 12.33 -5.95 -37.07
CA VAL B 124 12.22 -7.39 -36.82
C VAL B 124 13.61 -8.05 -36.87
N ASP B 125 14.35 -7.76 -37.93
CA ASP B 125 15.72 -8.26 -38.09
C ASP B 125 16.61 -7.95 -36.89
N ALA B 126 16.58 -6.70 -36.43
CA ALA B 126 17.40 -6.33 -35.30
C ALA B 126 16.98 -7.17 -34.07
N PHE B 127 15.68 -7.35 -33.87
CA PHE B 127 15.17 -8.04 -32.68
C PHE B 127 15.55 -9.55 -32.68
N VAL B 128 15.42 -10.22 -33.82
CA VAL B 128 15.69 -11.67 -33.88
C VAL B 128 17.19 -12.01 -34.05
N THR B 129 18.03 -11.01 -34.29
CA THR B 129 19.48 -11.27 -34.44
C THR B 129 20.37 -10.67 -33.34
N THR B 130 19.83 -9.82 -32.48
CA THR B 130 20.64 -9.18 -31.43
C THR B 130 20.66 -10.08 -30.17
N PRO B 131 21.87 -10.50 -29.75
CA PRO B 131 21.98 -11.31 -28.54
C PRO B 131 21.70 -10.52 -27.26
N TRP B 132 21.14 -11.21 -26.28
CA TRP B 132 21.14 -10.80 -24.88
C TRP B 132 22.59 -10.67 -24.37
N SER B 133 22.92 -9.52 -23.77
CA SER B 133 24.30 -9.27 -23.29
C SER B 133 24.74 -10.16 -22.13
N LYS B 134 23.80 -10.50 -21.24
CA LYS B 134 24.02 -11.20 -19.97
C LYS B 134 24.85 -10.38 -18.96
N ALA B 135 24.99 -9.06 -19.17
CA ALA B 135 25.74 -8.20 -18.23
C ALA B 135 25.07 -8.21 -16.86
N GLN B 136 25.91 -8.24 -15.81
CA GLN B 136 25.50 -8.33 -14.40
C GLN B 136 24.39 -7.38 -14.03
N ARG B 137 24.57 -6.11 -14.33
CA ARG B 137 23.61 -5.09 -13.90
C ARG B 137 22.23 -5.28 -14.58
N HIS B 138 22.22 -5.70 -15.83
CA HIS B 138 20.97 -5.95 -16.55
C HIS B 138 20.26 -7.17 -15.96
N GLN B 139 21.02 -8.23 -15.71
CA GLN B 139 20.45 -9.41 -15.06
C GLN B 139 19.90 -9.07 -13.68
N ARG B 140 20.61 -8.27 -12.89
CA ARG B 140 20.17 -7.89 -11.54
C ARG B 140 18.81 -7.18 -11.61
N ARG B 141 18.65 -6.29 -12.57
CA ARG B 141 17.41 -5.51 -12.70
C ARG B 141 16.22 -6.37 -13.14
N ILE B 142 16.47 -7.29 -14.06
CA ILE B 142 15.49 -8.28 -14.50
C ILE B 142 15.09 -9.17 -13.32
N ASP B 143 16.07 -9.54 -12.51
CA ASP B 143 15.82 -10.37 -11.32
C ASP B 143 14.98 -9.66 -10.26
N ILE B 144 15.26 -8.38 -10.02
CA ILE B 144 14.51 -7.56 -9.09
C ILE B 144 13.05 -7.52 -9.53
N LEU B 145 12.83 -7.31 -10.83
CA LEU B 145 11.49 -7.23 -11.37
C LEU B 145 10.74 -8.58 -11.25
N ALA B 146 11.43 -9.67 -11.56
CA ALA B 146 10.88 -11.04 -11.43
C ALA B 146 10.42 -11.33 -9.97
N GLU B 147 11.23 -10.93 -9.02
CA GLU B 147 10.88 -11.07 -7.61
C GLU B 147 9.66 -10.21 -7.23
N TYR B 148 9.57 -8.97 -7.72
CA TYR B 148 8.37 -8.17 -7.52
C TYR B 148 7.15 -8.88 -8.10
N GLU B 149 7.31 -9.46 -9.28
CA GLU B 149 6.23 -10.16 -9.94
C GLU B 149 5.75 -11.31 -9.11
N ARG B 150 6.69 -11.99 -8.45
CA ARG B 150 6.43 -13.18 -7.67
C ARG B 150 5.71 -12.83 -6.32
N THR B 151 6.04 -11.70 -5.71
CA THR B 151 5.65 -11.40 -4.34
C THR B 151 4.79 -10.15 -4.18
N HIS B 152 4.83 -9.28 -5.17
CA HIS B 152 4.21 -7.96 -5.09
C HIS B 152 4.66 -7.17 -3.88
N GLU B 153 5.90 -7.42 -3.45
CA GLU B 153 6.55 -6.60 -2.44
C GLU B 153 7.37 -5.58 -3.21
N ALA B 154 6.90 -4.33 -3.24
CA ALA B 154 7.57 -3.29 -3.99
C ALA B 154 8.99 -3.12 -3.43
N PRO B 155 10.01 -3.14 -4.28
CA PRO B 155 11.34 -2.95 -3.71
C PRO B 155 11.52 -1.53 -3.14
N PRO B 156 12.28 -1.40 -2.04
CA PRO B 156 12.33 -0.09 -1.38
C PRO B 156 13.05 0.97 -2.22
N VAL B 157 12.60 2.22 -2.10
CA VAL B 157 13.25 3.34 -2.78
C VAL B 157 14.02 4.19 -1.76
N PRO B 158 15.33 4.41 -2.03
CA PRO B 158 16.17 5.35 -1.25
C PRO B 158 15.63 6.78 -1.17
N GLY C 3 -8.62 -16.53 -2.90
CA GLY C 3 -7.27 -16.20 -3.39
C GLY C 3 -7.01 -14.71 -3.35
N MET C 4 -7.47 -14.04 -2.28
CA MET C 4 -7.15 -12.63 -2.02
C MET C 4 -6.03 -12.51 -1.00
N ARG C 5 -5.20 -11.49 -1.17
CA ARG C 5 -4.27 -11.07 -0.17
C ARG C 5 -4.99 -10.07 0.74
N VAL C 6 -4.93 -10.33 2.05
CA VAL C 6 -5.67 -9.56 3.05
C VAL C 6 -4.72 -9.17 4.19
N TYR C 7 -4.42 -7.90 4.30
CA TYR C 7 -3.66 -7.34 5.40
C TYR C 7 -4.56 -7.12 6.60
N LEU C 8 -4.17 -7.63 7.75
CA LEU C 8 -4.99 -7.51 8.97
C LEU C 8 -4.26 -6.76 10.07
N GLY C 9 -4.97 -5.79 10.66
CA GLY C 9 -4.48 -5.04 11.79
C GLY C 9 -5.52 -5.09 12.91
N ALA C 10 -5.05 -5.09 14.15
CA ALA C 10 -5.94 -5.15 15.31
C ALA C 10 -5.25 -4.62 16.56
N ASP C 11 -6.03 -3.91 17.38
CA ASP C 11 -5.60 -3.64 18.75
C ASP C 11 -6.04 -4.80 19.65
N HIS C 12 -5.81 -4.65 20.95
CA HIS C 12 -6.17 -5.69 21.96
C HIS C 12 -7.63 -6.18 21.88
N ALA C 13 -8.56 -5.27 21.63
CA ALA C 13 -9.99 -5.58 21.58
C ALA C 13 -10.37 -6.36 20.31
N GLY C 14 -9.56 -6.27 19.25
CA GLY C 14 -9.76 -7.09 18.06
C GLY C 14 -8.81 -8.26 17.92
N TYR C 15 -7.89 -8.42 18.88
CA TYR C 15 -6.79 -9.36 18.74
C TYR C 15 -7.28 -10.81 18.54
N GLU C 16 -8.12 -11.28 19.47
CA GLU C 16 -8.61 -12.66 19.40
C GLU C 16 -9.40 -12.95 18.13
N LEU C 17 -10.25 -12.00 17.73
CA LEU C 17 -10.97 -12.10 16.48
C LEU C 17 -10.03 -12.13 15.25
N LYS C 18 -9.00 -11.31 15.28
CA LYS C 18 -7.99 -11.29 14.20
C LYS C 18 -7.41 -12.69 13.98
N GLN C 19 -7.10 -13.37 15.09
CA GLN C 19 -6.49 -14.71 14.98
C GLN C 19 -7.48 -15.70 14.38
N ARG C 20 -8.77 -15.61 14.77
CA ARG C 20 -9.78 -16.46 14.15
C ARG C 20 -9.88 -16.18 12.64
N ILE C 21 -9.79 -14.90 12.27
CA ILE C 21 -9.95 -14.52 10.87
C ILE C 21 -8.77 -14.98 10.02
N ILE C 22 -7.56 -14.87 10.55
CA ILE C 22 -6.34 -15.35 9.88
C ILE C 22 -6.51 -16.85 9.54
N GLU C 23 -6.89 -17.62 10.57
CA GLU C 23 -7.15 -19.08 10.45
C GLU C 23 -8.21 -19.36 9.40
N HIS C 24 -9.34 -18.64 9.47
CA HIS C 24 -10.42 -18.77 8.50
C HIS C 24 -9.97 -18.49 7.06
N LEU C 25 -9.25 -17.39 6.86
CA LEU C 25 -8.76 -16.99 5.55
C LEU C 25 -7.79 -18.02 4.96
N LYS C 26 -6.86 -18.49 5.78
CA LYS C 26 -5.96 -19.59 5.40
C LYS C 26 -6.77 -20.80 4.93
N GLN C 27 -7.75 -21.20 5.72
CA GLN C 27 -8.53 -22.40 5.39
C GLN C 27 -9.52 -22.23 4.22
N THR C 28 -9.82 -20.99 3.82
CA THR C 28 -10.73 -20.71 2.71
C THR C 28 -9.93 -20.29 1.43
N GLY C 29 -8.60 -20.42 1.51
CA GLY C 29 -7.73 -20.27 0.34
C GLY C 29 -7.22 -18.85 0.07
N HIS C 30 -7.25 -17.99 1.08
CA HIS C 30 -6.78 -16.61 0.92
C HIS C 30 -5.41 -16.47 1.57
N GLU C 31 -4.83 -15.29 1.48
CA GLU C 31 -3.50 -15.06 2.00
C GLU C 31 -3.54 -13.94 3.02
N PRO C 32 -3.83 -14.29 4.28
CA PRO C 32 -3.81 -13.26 5.32
C PRO C 32 -2.38 -12.85 5.66
N ILE C 33 -2.17 -11.55 5.88
CA ILE C 33 -0.91 -10.96 6.30
C ILE C 33 -1.12 -10.20 7.60
N ASP C 34 -0.48 -10.65 8.68
CA ASP C 34 -0.68 -10.09 10.00
C ASP C 34 0.18 -8.87 10.19
N CYS C 35 -0.46 -7.72 10.37
CA CYS C 35 0.26 -6.48 10.65
C CYS C 35 0.36 -6.16 12.14
N GLY C 36 -0.12 -7.07 13.00
CA GLY C 36 -0.13 -6.86 14.48
C GLY C 36 -1.51 -6.33 14.91
N ALA C 37 -1.77 -6.26 16.21
CA ALA C 37 -0.89 -6.72 17.28
C ALA C 37 -0.59 -8.21 17.25
N LEU C 38 0.65 -8.54 17.61
CA LEU C 38 1.13 -9.91 17.59
C LEU C 38 0.93 -10.63 18.95
N ARG C 39 0.42 -9.91 19.94
CA ARG C 39 0.00 -10.51 21.20
C ARG C 39 -1.06 -9.62 21.83
N TYR C 40 -1.71 -10.14 22.86
CA TYR C 40 -2.68 -9.34 23.63
C TYR C 40 -1.94 -8.41 24.58
N ASP C 41 -2.08 -7.10 24.35
CA ASP C 41 -1.62 -6.08 25.29
C ASP C 41 -2.81 -5.15 25.55
N ALA C 42 -3.39 -5.28 26.74
CA ALA C 42 -4.68 -4.63 27.06
C ALA C 42 -4.72 -3.10 26.91
N ASP C 43 -3.56 -2.46 26.93
CA ASP C 43 -3.48 -1.02 26.87
C ASP C 43 -2.97 -0.48 25.53
N ASP C 44 -2.76 -1.34 24.55
CA ASP C 44 -2.24 -0.84 23.25
C ASP C 44 -3.24 0.05 22.48
N ASP C 45 -2.71 0.74 21.47
CA ASP C 45 -3.39 1.85 20.82
C ASP C 45 -3.66 1.49 19.35
N TYR C 46 -4.95 1.45 18.97
CA TYR C 46 -5.32 0.97 17.63
C TYR C 46 -4.67 1.71 16.39
N PRO C 47 -4.49 3.05 16.46
CA PRO C 47 -4.09 3.75 15.19
C PRO C 47 -2.91 3.17 14.44
N ALA C 48 -1.83 2.85 15.15
CA ALA C 48 -0.63 2.31 14.49
C ALA C 48 -0.94 1.06 13.68
N PHE C 49 -1.77 0.16 14.22
CA PHE C 49 -2.10 -1.10 13.54
C PHE C 49 -3.03 -0.87 12.33
N CYS C 50 -3.95 0.07 12.48
CA CYS C 50 -4.88 0.40 11.42
C CYS C 50 -4.18 1.11 10.27
N ILE C 51 -3.33 2.07 10.62
CA ILE C 51 -2.56 2.82 9.64
C ILE C 51 -1.61 1.86 8.89
N ALA C 52 -0.99 0.94 9.64
CA ALA C 52 -0.13 -0.07 9.05
C ALA C 52 -0.86 -0.94 8.03
N ALA C 53 -2.02 -1.46 8.41
CA ALA C 53 -2.79 -2.31 7.51
C ALA C 53 -3.25 -1.54 6.26
N ALA C 54 -3.73 -0.32 6.47
CA ALA C 54 -4.25 0.50 5.37
C ALA C 54 -3.10 0.94 4.44
N THR C 55 -1.97 1.37 5.01
CA THR C 55 -0.79 1.74 4.20
C THR C 55 -0.34 0.60 3.27
N ARG C 56 -0.20 -0.60 3.83
CA ARG C 56 0.22 -1.77 3.07
C ARG C 56 -0.77 -2.16 2.02
N THR C 57 -2.05 -2.09 2.34
CA THR C 57 -3.09 -2.41 1.38
C THR C 57 -3.05 -1.46 0.16
N VAL C 58 -2.97 -0.16 0.43
CA VAL C 58 -3.01 0.87 -0.61
C VAL C 58 -1.73 0.75 -1.44
N ALA C 59 -0.62 0.40 -0.80
CA ALA C 59 0.67 0.16 -1.51
C ALA C 59 0.76 -1.16 -2.28
N ASP C 60 -0.27 -1.99 -2.19
CA ASP C 60 -0.32 -3.28 -2.83
C ASP C 60 -1.63 -3.42 -3.59
N PRO C 61 -1.76 -2.67 -4.72
CA PRO C 61 -3.05 -2.61 -5.43
C PRO C 61 -3.54 -4.00 -5.80
N GLY C 62 -4.81 -4.28 -5.55
CA GLY C 62 -5.38 -5.60 -5.74
C GLY C 62 -5.59 -6.33 -4.42
N SER C 63 -4.88 -5.92 -3.38
CA SER C 63 -5.05 -6.50 -2.06
C SER C 63 -6.22 -5.84 -1.30
N LEU C 64 -6.57 -6.48 -0.20
CA LEU C 64 -7.61 -5.98 0.69
C LEU C 64 -7.04 -5.89 2.10
N GLY C 65 -7.81 -5.29 3.01
CA GLY C 65 -7.39 -5.16 4.37
C GLY C 65 -8.57 -5.17 5.32
N ILE C 66 -8.31 -5.65 6.54
CA ILE C 66 -9.35 -5.66 7.57
C ILE C 66 -8.71 -5.11 8.86
N VAL C 67 -9.39 -4.15 9.46
CA VAL C 67 -8.93 -3.56 10.72
C VAL C 67 -9.97 -3.84 11.82
N LEU C 68 -9.48 -4.29 12.97
CA LEU C 68 -10.31 -4.88 14.03
C LEU C 68 -9.99 -4.24 15.37
N GLY C 69 -11.05 -3.84 16.06
CA GLY C 69 -10.94 -3.38 17.44
C GLY C 69 -12.26 -3.63 18.16
N GLY C 70 -12.59 -2.77 19.11
CA GLY C 70 -13.82 -2.95 19.86
C GLY C 70 -15.11 -2.66 19.12
N SER C 71 -15.21 -1.41 18.68
CA SER C 71 -16.39 -0.87 18.00
C SER C 71 -16.24 -0.84 16.48
N GLY C 72 -15.00 -0.86 16.00
CA GLY C 72 -14.74 -0.71 14.56
C GLY C 72 -14.62 0.74 14.06
N ASN C 73 -15.16 1.70 14.82
CA ASN C 73 -15.25 3.05 14.30
C ASN C 73 -13.94 3.82 14.37
N GLY C 74 -13.24 3.79 15.51
CA GLY C 74 -11.94 4.42 15.59
C GLY C 74 -10.98 3.86 14.53
N GLU C 75 -11.06 2.54 14.35
CA GLU C 75 -10.24 1.77 13.40
C GLU C 75 -10.43 2.21 11.94
N GLN C 76 -11.67 2.30 11.48
CA GLN C 76 -11.97 2.82 10.12
C GLN C 76 -11.62 4.30 9.98
N ILE C 77 -11.83 5.09 11.02
CA ILE C 77 -11.43 6.52 10.96
C ILE C 77 -9.90 6.62 10.76
N ALA C 78 -9.14 5.82 11.51
CA ALA C 78 -7.68 5.78 11.38
C ALA C 78 -7.27 5.36 9.96
N ALA C 79 -7.85 4.26 9.47
CA ALA C 79 -7.56 3.74 8.14
C ALA C 79 -7.83 4.77 7.04
N ASN C 80 -8.95 5.48 7.17
CA ASN C 80 -9.36 6.51 6.23
C ASN C 80 -8.43 7.73 6.18
N LYS C 81 -7.58 7.90 7.19
CA LYS C 81 -6.60 9.00 7.12
C LYS C 81 -5.40 8.68 6.19
N VAL C 82 -5.24 7.41 5.82
CA VAL C 82 -4.21 6.98 4.87
C VAL C 82 -4.65 7.46 3.46
N PRO C 83 -3.83 8.31 2.82
CA PRO C 83 -4.13 8.76 1.44
C PRO C 83 -4.38 7.56 0.49
N GLY C 84 -5.50 7.59 -0.21
CA GLY C 84 -5.87 6.54 -1.13
C GLY C 84 -6.69 5.43 -0.51
N ALA C 85 -6.80 5.37 0.81
CA ALA C 85 -7.56 4.30 1.43
C ALA C 85 -9.04 4.65 1.52
N ARG C 86 -9.88 3.63 1.29
CA ARG C 86 -11.33 3.72 1.49
C ARG C 86 -11.69 2.58 2.42
N CYS C 87 -11.98 2.92 3.67
CA CYS C 87 -12.29 1.91 4.68
C CYS C 87 -13.74 2.05 5.15
N ALA C 88 -14.57 1.05 4.81
CA ALA C 88 -15.95 1.00 5.27
C ALA C 88 -15.99 0.42 6.67
N LEU C 89 -17.04 0.74 7.42
CA LEU C 89 -17.35 -0.04 8.62
C LEU C 89 -18.32 -1.16 8.20
N ALA C 90 -17.90 -2.39 8.33
CA ALA C 90 -18.74 -3.54 8.04
C ALA C 90 -19.40 -4.01 9.34
N TRP C 91 -20.74 -3.89 9.38
CA TRP C 91 -21.55 -4.34 10.53
C TRP C 91 -22.59 -5.41 10.14
N SER C 92 -22.48 -5.90 8.92
CA SER C 92 -23.41 -6.89 8.41
C SER C 92 -22.84 -7.45 7.13
N VAL C 93 -23.37 -8.59 6.68
CA VAL C 93 -22.99 -9.12 5.38
C VAL C 93 -23.31 -8.13 4.26
N GLN C 94 -24.50 -7.50 4.33
CA GLN C 94 -24.93 -6.53 3.34
C GLN C 94 -23.97 -5.33 3.24
N THR C 95 -23.55 -4.80 4.39
CA THR C 95 -22.66 -3.62 4.36
C THR C 95 -21.25 -3.98 3.90
N ALA C 96 -20.79 -5.19 4.23
CA ALA C 96 -19.49 -5.67 3.75
C ALA C 96 -19.51 -5.83 2.23
N ALA C 97 -20.59 -6.41 1.70
CA ALA C 97 -20.76 -6.58 0.25
C ALA C 97 -20.86 -5.22 -0.47
N LEU C 98 -21.65 -4.28 0.06
CA LEU C 98 -21.82 -2.97 -0.58
C LEU C 98 -20.54 -2.14 -0.56
N ALA C 99 -19.75 -2.23 0.50
CA ALA C 99 -18.42 -1.60 0.56
C ALA C 99 -17.58 -1.94 -0.67
N ARG C 100 -17.55 -3.22 -1.04
CA ARG C 100 -16.88 -3.63 -2.29
C ARG C 100 -17.62 -3.15 -3.53
N GLU C 101 -18.89 -3.54 -3.65
CA GLU C 101 -19.69 -3.30 -4.85
C GLU C 101 -19.84 -1.82 -5.22
N HIS C 102 -20.08 -0.96 -4.23
CA HIS C 102 -20.33 0.46 -4.44
C HIS C 102 -19.11 1.35 -4.19
N ASN C 103 -18.37 1.09 -3.10
CA ASN C 103 -17.33 2.04 -2.67
C ASN C 103 -15.93 1.61 -3.14
N ASN C 104 -15.85 0.43 -3.74
CA ASN C 104 -14.57 -0.26 -3.98
C ASN C 104 -13.64 -0.11 -2.76
N ALA C 105 -14.19 -0.35 -1.57
CA ALA C 105 -13.46 -0.16 -0.32
C ALA C 105 -12.38 -1.24 -0.31
N GLN C 106 -11.10 -0.86 -0.12
CA GLN C 106 -10.05 -1.88 -0.04
C GLN C 106 -9.99 -2.45 1.37
N LEU C 107 -10.56 -1.71 2.33
CA LEU C 107 -10.57 -2.10 3.73
C LEU C 107 -11.96 -2.02 4.34
N ILE C 108 -12.17 -2.90 5.31
CA ILE C 108 -13.28 -2.74 6.23
C ILE C 108 -12.78 -2.77 7.65
N GLY C 109 -13.48 -2.03 8.51
CA GLY C 109 -13.35 -2.20 9.97
C GLY C 109 -14.44 -3.09 10.52
N ILE C 110 -14.11 -3.83 11.55
CA ILE C 110 -15.05 -4.70 12.24
C ILE C 110 -14.89 -4.46 13.77
N GLY C 111 -16.02 -4.19 14.43
CA GLY C 111 -16.12 -4.14 15.86
C GLY C 111 -16.28 -5.54 16.44
N GLY C 112 -15.20 -6.05 17.03
CA GLY C 112 -15.17 -7.35 17.67
C GLY C 112 -16.14 -7.50 18.85
N ARG C 113 -16.47 -6.40 19.51
CA ARG C 113 -17.45 -6.41 20.61
C ARG C 113 -18.91 -6.47 20.08
N MET C 114 -19.09 -6.28 18.78
CA MET C 114 -20.43 -6.08 18.20
C MET C 114 -21.01 -7.33 17.54
N HIS C 115 -20.21 -8.37 17.37
CA HIS C 115 -20.64 -9.55 16.62
C HIS C 115 -20.13 -10.81 17.27
N THR C 116 -20.84 -11.91 17.03
CA THR C 116 -20.32 -13.23 17.32
C THR C 116 -19.25 -13.57 16.29
N VAL C 117 -18.41 -14.55 16.61
CA VAL C 117 -17.37 -14.97 15.70
C VAL C 117 -17.98 -15.44 14.37
N ALA C 118 -19.06 -16.23 14.41
CA ALA C 118 -19.72 -16.70 13.18
C ALA C 118 -20.21 -15.53 12.30
N GLU C 119 -20.80 -14.52 12.93
CA GLU C 119 -21.30 -13.35 12.22
C GLU C 119 -20.11 -12.57 11.61
N ALA C 120 -19.03 -12.45 12.38
CA ALA C 120 -17.83 -11.75 11.92
C ALA C 120 -17.22 -12.48 10.74
N LEU C 121 -17.23 -13.82 10.77
CA LEU C 121 -16.67 -14.59 9.66
C LEU C 121 -17.51 -14.51 8.38
N ALA C 122 -18.83 -14.38 8.52
CA ALA C 122 -19.71 -14.19 7.37
C ALA C 122 -19.50 -12.80 6.75
N ILE C 123 -19.29 -11.79 7.58
CA ILE C 123 -18.92 -10.44 7.10
C ILE C 123 -17.62 -10.49 6.27
N VAL C 124 -16.63 -11.19 6.80
CA VAL C 124 -15.34 -11.39 6.13
C VAL C 124 -15.49 -12.10 4.79
N ASP C 125 -16.25 -13.21 4.77
CA ASP C 125 -16.58 -13.92 3.53
C ASP C 125 -17.19 -12.98 2.49
N ALA C 126 -18.19 -12.19 2.88
CA ALA C 126 -18.84 -11.24 1.96
C ALA C 126 -17.81 -10.24 1.42
N PHE C 127 -16.96 -9.73 2.30
CA PHE C 127 -15.94 -8.75 1.91
C PHE C 127 -14.90 -9.30 0.93
N VAL C 128 -14.39 -10.50 1.16
CA VAL C 128 -13.31 -11.03 0.32
C VAL C 128 -13.81 -11.65 -0.99
N THR C 129 -15.11 -11.90 -1.14
CA THR C 129 -15.63 -12.54 -2.35
C THR C 129 -16.54 -11.65 -3.21
N THR C 130 -16.96 -10.50 -2.71
CA THR C 130 -17.83 -9.60 -3.50
C THR C 130 -17.00 -8.70 -4.39
N PRO C 131 -17.25 -8.76 -5.71
CA PRO C 131 -16.49 -7.89 -6.62
C PRO C 131 -16.93 -6.43 -6.61
N TRP C 132 -15.99 -5.55 -6.86
CA TRP C 132 -16.24 -4.16 -7.23
C TRP C 132 -17.07 -4.09 -8.50
N SER C 133 -18.19 -3.35 -8.48
CA SER C 133 -19.10 -3.30 -9.63
C SER C 133 -18.52 -2.64 -10.90
N LYS C 134 -17.63 -1.66 -10.71
CA LYS C 134 -17.09 -0.82 -11.78
C LYS C 134 -18.16 0.09 -12.40
N ALA C 135 -19.32 0.24 -11.78
CA ALA C 135 -20.40 1.04 -12.34
C ALA C 135 -19.98 2.51 -12.44
N GLN C 136 -20.38 3.16 -13.52
CA GLN C 136 -19.94 4.55 -13.81
C GLN C 136 -20.11 5.54 -12.65
N ARG C 137 -21.29 5.56 -12.04
CA ARG C 137 -21.55 6.56 -10.99
C ARG C 137 -20.66 6.36 -9.76
N HIS C 138 -20.42 5.09 -9.40
CA HIS C 138 -19.52 4.73 -8.31
C HIS C 138 -18.10 5.15 -8.62
N GLN C 139 -17.63 4.86 -9.83
CA GLN C 139 -16.31 5.30 -10.23
C GLN C 139 -16.19 6.84 -10.23
N ARG C 140 -17.21 7.55 -10.69
CA ARG C 140 -17.20 9.04 -10.67
C ARG C 140 -17.05 9.56 -9.24
N ARG C 141 -17.78 8.95 -8.33
CA ARG C 141 -17.72 9.37 -6.92
C ARG C 141 -16.35 9.16 -6.26
N ILE C 142 -15.75 8.00 -6.52
CA ILE C 142 -14.41 7.70 -6.06
C ILE C 142 -13.43 8.73 -6.62
N ASP C 143 -13.57 9.06 -7.91
CA ASP C 143 -12.71 10.03 -8.59
C ASP C 143 -12.81 11.44 -7.98
N ILE C 144 -14.02 11.84 -7.63
CA ILE C 144 -14.27 13.12 -7.00
C ILE C 144 -13.52 13.14 -5.66
N LEU C 145 -13.61 12.04 -4.91
CA LEU C 145 -13.00 11.97 -3.58
C LEU C 145 -11.49 11.94 -3.74
N ALA C 146 -10.99 11.24 -4.75
CA ALA C 146 -9.53 11.21 -5.01
C ALA C 146 -9.01 12.62 -5.34
N GLU C 147 -9.75 13.38 -6.14
CA GLU C 147 -9.35 14.75 -6.47
C GLU C 147 -9.31 15.63 -5.22
N TYR C 148 -10.32 15.45 -4.36
CA TYR C 148 -10.34 16.16 -3.08
C TYR C 148 -9.14 15.82 -2.20
N GLU C 149 -8.80 14.55 -2.14
CA GLU C 149 -7.69 14.10 -1.33
C GLU C 149 -6.33 14.67 -1.84
N ARG C 150 -6.23 14.87 -3.15
CA ARG C 150 -5.05 15.49 -3.76
C ARG C 150 -5.00 17.01 -3.49
N THR C 151 -6.14 17.69 -3.53
CA THR C 151 -6.16 19.16 -3.55
C THR C 151 -6.70 19.85 -2.27
N HIS C 152 -7.51 19.12 -1.50
CA HIS C 152 -8.32 19.71 -0.41
C HIS C 152 -9.18 20.88 -0.82
N GLU C 153 -9.53 20.93 -2.08
CA GLU C 153 -10.51 21.88 -2.60
C GLU C 153 -11.85 21.18 -2.60
N ALA C 154 -12.75 21.61 -1.73
CA ALA C 154 -14.02 20.94 -1.56
C ALA C 154 -14.73 20.90 -2.91
N PRO C 155 -15.31 19.75 -3.28
CA PRO C 155 -16.06 19.74 -4.53
C PRO C 155 -17.24 20.71 -4.44
N PRO C 156 -17.48 21.47 -5.52
CA PRO C 156 -18.45 22.55 -5.42
C PRO C 156 -19.86 22.02 -5.23
N VAL C 157 -20.64 22.63 -4.34
CA VAL C 157 -22.06 22.28 -4.29
C VAL C 157 -22.84 23.39 -5.04
N PRO C 158 -23.91 23.00 -5.76
CA PRO C 158 -24.66 23.93 -6.62
C PRO C 158 -24.98 25.29 -5.93
N GLY C 159 -24.85 26.39 -6.66
N GLY D 3 -28.28 21.88 23.43
CA GLY D 3 -28.51 22.78 22.26
C GLY D 3 -27.32 22.80 21.32
N MET D 4 -27.25 21.84 20.39
CA MET D 4 -26.09 21.65 19.54
C MET D 4 -26.33 22.25 18.16
N ARG D 5 -25.30 22.83 17.59
CA ARG D 5 -25.32 23.15 16.18
C ARG D 5 -24.94 21.88 15.43
N VAL D 6 -25.72 21.55 14.42
CA VAL D 6 -25.50 20.32 13.65
C VAL D 6 -25.56 20.60 12.17
N TYR D 7 -24.44 20.40 11.50
CA TYR D 7 -24.37 20.58 10.05
C TYR D 7 -24.79 19.28 9.39
N LEU D 8 -25.73 19.36 8.47
CA LEU D 8 -26.26 18.16 7.83
C LEU D 8 -25.96 18.20 6.33
N GLY D 9 -25.47 17.08 5.83
CA GLY D 9 -25.20 16.87 4.43
C GLY D 9 -25.82 15.57 3.98
N ALA D 10 -26.36 15.56 2.77
CA ALA D 10 -26.97 14.37 2.22
C ALA D 10 -27.00 14.40 0.70
N ASP D 11 -26.88 13.23 0.09
CA ASP D 11 -27.21 13.06 -1.31
C ASP D 11 -28.71 12.69 -1.45
N HIS D 12 -29.11 12.41 -2.67
CA HIS D 12 -30.48 11.98 -3.01
C HIS D 12 -30.99 10.82 -2.15
N ALA D 13 -30.12 9.86 -1.83
CA ALA D 13 -30.52 8.69 -1.09
C ALA D 13 -30.81 9.02 0.39
N GLY D 14 -30.16 10.04 0.92
CA GLY D 14 -30.42 10.45 2.31
C GLY D 14 -31.25 11.73 2.41
N TYR D 15 -31.75 12.23 1.29
CA TYR D 15 -32.39 13.56 1.24
C TYR D 15 -33.66 13.63 2.15
N GLU D 16 -34.55 12.65 1.97
CA GLU D 16 -35.78 12.62 2.78
C GLU D 16 -35.49 12.43 4.25
N LEU D 17 -34.60 11.51 4.59
CA LEU D 17 -34.19 11.35 5.98
C LEU D 17 -33.57 12.64 6.55
N LYS D 18 -32.72 13.32 5.76
CA LYS D 18 -32.18 14.61 6.20
C LYS D 18 -33.30 15.59 6.61
N GLN D 19 -34.35 15.68 5.80
CA GLN D 19 -35.43 16.65 6.05
C GLN D 19 -36.16 16.25 7.36
N ARG D 20 -36.36 14.96 7.56
CA ARG D 20 -36.90 14.46 8.83
C ARG D 20 -36.02 14.74 10.04
N ILE D 21 -34.71 14.62 9.86
CA ILE D 21 -33.76 14.85 10.94
C ILE D 21 -33.67 16.32 11.31
N ILE D 22 -33.72 17.19 10.31
CA ILE D 22 -33.76 18.63 10.55
C ILE D 22 -35.00 19.00 11.37
N GLU D 23 -36.13 18.42 11.00
CA GLU D 23 -37.40 18.57 11.74
C GLU D 23 -37.23 18.18 13.21
N HIS D 24 -36.74 16.98 13.43
CA HIS D 24 -36.48 16.42 14.75
C HIS D 24 -35.50 17.24 15.59
N LEU D 25 -34.38 17.68 15.00
CA LEU D 25 -33.43 18.53 15.73
C LEU D 25 -34.06 19.88 16.16
N LYS D 26 -34.73 20.55 15.23
CA LYS D 26 -35.44 21.81 15.51
C LYS D 26 -36.39 21.64 16.70
N GLN D 27 -37.20 20.58 16.65
CA GLN D 27 -38.20 20.32 17.69
C GLN D 27 -37.59 19.94 19.04
N THR D 28 -36.42 19.31 19.02
CA THR D 28 -35.74 18.88 20.25
C THR D 28 -34.72 19.88 20.78
N GLY D 29 -34.74 21.11 20.26
CA GLY D 29 -33.94 22.19 20.84
C GLY D 29 -32.55 22.43 20.28
N HIS D 30 -32.22 21.80 19.15
CA HIS D 30 -30.87 21.95 18.58
C HIS D 30 -30.95 22.86 17.36
N GLU D 31 -29.82 23.10 16.72
CA GLU D 31 -29.76 24.06 15.61
C GLU D 31 -29.22 23.37 14.34
N PRO D 32 -30.10 22.75 13.55
CA PRO D 32 -29.61 22.13 12.31
C PRO D 32 -29.28 23.14 11.20
N ILE D 33 -28.14 22.95 10.54
CA ILE D 33 -27.73 23.78 9.41
C ILE D 33 -27.64 22.86 8.19
N ASP D 34 -28.40 23.18 7.15
CA ASP D 34 -28.52 22.31 5.96
C ASP D 34 -27.44 22.70 4.95
N CYS D 35 -26.48 21.80 4.75
CA CYS D 35 -25.42 21.96 3.77
C CYS D 35 -25.77 21.46 2.35
N GLY D 36 -26.99 20.97 2.19
CA GLY D 36 -27.41 20.38 0.92
C GLY D 36 -27.32 18.85 0.97
N ALA D 37 -27.94 18.13 0.03
CA ALA D 37 -28.66 18.65 -1.13
C ALA D 37 -29.96 19.35 -0.69
N LEU D 38 -30.23 20.49 -1.30
CA LEU D 38 -31.46 21.23 -1.03
C LEU D 38 -32.68 20.72 -1.78
N ARG D 39 -32.43 19.94 -2.83
CA ARG D 39 -33.47 19.30 -3.66
C ARG D 39 -33.11 17.85 -3.92
N TYR D 40 -34.13 17.04 -4.16
CA TYR D 40 -33.92 15.66 -4.62
C TYR D 40 -33.43 15.67 -6.06
N ASP D 41 -32.21 15.19 -6.29
CA ASP D 41 -31.70 14.94 -7.63
C ASP D 41 -31.14 13.54 -7.70
N ALA D 42 -31.84 12.67 -8.42
CA ALA D 42 -31.62 11.22 -8.34
C ALA D 42 -30.19 10.80 -8.68
N ASP D 43 -29.50 11.63 -9.45
CA ASP D 43 -28.18 11.28 -9.95
C ASP D 43 -27.03 12.01 -9.26
N ASP D 44 -27.32 12.79 -8.23
CA ASP D 44 -26.26 13.58 -7.57
C ASP D 44 -25.25 12.70 -6.79
N ASP D 45 -24.13 13.30 -6.43
CA ASP D 45 -22.94 12.62 -5.96
C ASP D 45 -22.60 13.04 -4.53
N TYR D 46 -22.63 12.08 -3.61
CA TYR D 46 -22.53 12.38 -2.18
C TYR D 46 -21.27 13.17 -1.70
N PRO D 47 -20.07 12.95 -2.30
CA PRO D 47 -18.87 13.58 -1.71
C PRO D 47 -18.93 15.07 -1.43
N ALA D 48 -19.43 15.86 -2.38
CA ALA D 48 -19.58 17.31 -2.16
C ALA D 48 -20.34 17.64 -0.88
N PHE D 49 -21.48 16.98 -0.64
CA PHE D 49 -22.29 17.27 0.55
C PHE D 49 -21.66 16.82 1.85
N CYS D 50 -20.98 15.67 1.79
CA CYS D 50 -20.34 15.12 2.98
C CYS D 50 -19.13 15.96 3.37
N ILE D 51 -18.35 16.37 2.37
CA ILE D 51 -17.16 17.21 2.58
C ILE D 51 -17.58 18.59 3.07
N ALA D 52 -18.64 19.15 2.51
CA ALA D 52 -19.21 20.41 2.99
C ALA D 52 -19.54 20.35 4.47
N ALA D 53 -20.30 19.33 4.89
CA ALA D 53 -20.71 19.18 6.30
C ALA D 53 -19.51 19.00 7.21
N ALA D 54 -18.56 18.14 6.81
CA ALA D 54 -17.37 17.88 7.61
C ALA D 54 -16.48 19.14 7.72
N THR D 55 -16.30 19.84 6.60
CA THR D 55 -15.48 21.04 6.57
C THR D 55 -16.06 22.08 7.55
N ARG D 56 -17.37 22.31 7.49
CA ARG D 56 -18.04 23.31 8.31
C ARG D 56 -17.97 22.97 9.80
N THR D 57 -18.11 21.68 10.11
CA THR D 57 -18.12 21.16 11.47
C THR D 57 -16.76 21.35 12.12
N VAL D 58 -15.70 20.98 11.38
CA VAL D 58 -14.33 21.13 11.85
C VAL D 58 -13.98 22.62 11.99
N ALA D 59 -14.51 23.44 11.10
CA ALA D 59 -14.28 24.89 11.14
C ALA D 59 -15.03 25.59 12.28
N ASP D 60 -16.00 24.91 12.90
CA ASP D 60 -16.84 25.44 13.95
C ASP D 60 -16.77 24.54 15.21
N PRO D 61 -15.67 24.64 15.99
CA PRO D 61 -15.49 23.71 17.11
C PRO D 61 -16.64 23.79 18.08
N GLY D 62 -17.07 22.63 18.58
CA GLY D 62 -18.22 22.55 19.43
C GLY D 62 -19.46 22.12 18.68
N SER D 63 -19.47 22.30 17.35
CA SER D 63 -20.54 21.79 16.50
C SER D 63 -20.38 20.30 16.24
N LEU D 64 -21.45 19.70 15.78
CA LEU D 64 -21.46 18.34 15.27
C LEU D 64 -21.93 18.34 13.82
N GLY D 65 -21.80 17.19 13.17
CA GLY D 65 -22.18 17.03 11.79
C GLY D 65 -22.79 15.65 11.58
N ILE D 66 -23.70 15.55 10.62
CA ILE D 66 -24.32 14.26 10.26
C ILE D 66 -24.37 14.19 8.74
N VAL D 67 -23.85 13.10 8.18
CA VAL D 67 -23.83 12.88 6.75
C VAL D 67 -24.72 11.67 6.44
N LEU D 68 -25.54 11.82 5.41
CA LEU D 68 -26.57 10.87 5.10
C LEU D 68 -26.61 10.48 3.62
N GLY D 69 -26.67 9.17 3.37
CA GLY D 69 -26.89 8.65 2.03
C GLY D 69 -27.53 7.28 2.13
N GLY D 70 -27.25 6.42 1.18
CA GLY D 70 -27.88 5.11 1.14
C GLY D 70 -27.40 4.17 2.21
N SER D 71 -26.11 3.88 2.18
CA SER D 71 -25.48 2.94 3.09
C SER D 71 -24.73 3.57 4.25
N GLY D 72 -24.39 4.86 4.15
CA GLY D 72 -23.59 5.51 5.18
C GLY D 72 -22.09 5.43 4.95
N ASN D 73 -21.62 4.40 4.22
CA ASN D 73 -20.19 4.12 4.20
C ASN D 73 -19.38 5.05 3.33
N GLY D 74 -19.82 5.29 2.09
CA GLY D 74 -19.15 6.26 1.22
C GLY D 74 -19.13 7.66 1.84
N GLU D 75 -20.23 8.00 2.53
CA GLU D 75 -20.39 9.29 3.15
C GLU D 75 -19.40 9.51 4.29
N GLN D 76 -19.25 8.52 5.17
CA GLN D 76 -18.26 8.64 6.27
C GLN D 76 -16.82 8.59 5.71
N ILE D 77 -16.59 7.81 4.66
CA ILE D 77 -15.26 7.79 4.00
C ILE D 77 -14.91 9.21 3.51
N ALA D 78 -15.85 9.84 2.83
CA ALA D 78 -15.62 11.17 2.27
C ALA D 78 -15.35 12.16 3.42
N ALA D 79 -16.16 12.09 4.45
CA ALA D 79 -16.04 13.00 5.60
C ALA D 79 -14.69 12.87 6.29
N ASN D 80 -14.25 11.63 6.49
CA ASN D 80 -12.93 11.33 7.03
C ASN D 80 -11.74 11.82 6.21
N LYS D 81 -11.94 12.21 4.95
CA LYS D 81 -10.85 12.81 4.18
C LYS D 81 -10.62 14.27 4.54
N VAL D 82 -11.56 14.88 5.27
CA VAL D 82 -11.42 16.30 5.66
C VAL D 82 -10.44 16.39 6.80
N PRO D 83 -9.40 17.24 6.67
CA PRO D 83 -8.41 17.34 7.77
C PRO D 83 -9.05 17.74 9.10
N GLY D 84 -8.75 16.98 10.14
CA GLY D 84 -9.30 17.25 11.47
C GLY D 84 -10.63 16.56 11.76
N ALA D 85 -11.26 15.97 10.73
CA ALA D 85 -12.56 15.30 10.93
C ALA D 85 -12.41 13.87 11.39
N ARG D 86 -13.30 13.48 12.28
CA ARG D 86 -13.46 12.10 12.69
C ARG D 86 -14.95 11.79 12.53
N CYS D 87 -15.25 10.96 11.54
CA CYS D 87 -16.60 10.57 11.23
C CYS D 87 -16.85 9.06 11.40
N ALA D 88 -17.67 8.73 12.39
CA ALA D 88 -18.05 7.35 12.69
C ALA D 88 -19.25 6.95 11.80
N LEU D 89 -19.40 5.65 11.57
CA LEU D 89 -20.64 5.13 10.97
C LEU D 89 -21.54 4.70 12.14
N ALA D 90 -22.66 5.38 12.29
CA ALA D 90 -23.65 5.08 13.36
C ALA D 90 -24.68 4.15 12.78
N TRP D 91 -24.71 2.91 13.28
CA TRP D 91 -25.71 1.94 12.86
C TRP D 91 -26.61 1.45 13.99
N SER D 92 -26.46 2.07 15.16
CA SER D 92 -27.16 1.71 16.37
C SER D 92 -27.01 2.83 17.37
N VAL D 93 -27.91 2.88 18.35
CA VAL D 93 -27.77 3.84 19.42
C VAL D 93 -26.42 3.70 20.14
N GLN D 94 -25.99 2.46 20.36
CA GLN D 94 -24.73 2.18 21.04
C GLN D 94 -23.52 2.72 20.25
N THR D 95 -23.50 2.46 18.95
CA THR D 95 -22.36 2.95 18.15
C THR D 95 -22.38 4.49 18.00
N ALA D 96 -23.55 5.12 17.95
CA ALA D 96 -23.60 6.58 17.99
C ALA D 96 -22.98 7.12 19.31
N ALA D 97 -23.35 6.50 20.42
CA ALA D 97 -22.88 6.94 21.75
C ALA D 97 -21.38 6.73 21.90
N LEU D 98 -20.91 5.54 21.47
CA LEU D 98 -19.48 5.22 21.54
C LEU D 98 -18.64 6.16 20.67
N ALA D 99 -19.18 6.57 19.51
CA ALA D 99 -18.50 7.52 18.61
C ALA D 99 -18.14 8.81 19.34
N ARG D 100 -19.07 9.33 20.14
CA ARG D 100 -18.80 10.51 20.96
C ARG D 100 -17.87 10.19 22.14
N GLU D 101 -18.25 9.20 22.94
CA GLU D 101 -17.58 8.90 24.21
C GLU D 101 -16.11 8.49 24.03
N HIS D 102 -15.85 7.70 23.00
CA HIS D 102 -14.53 7.13 22.78
C HIS D 102 -13.70 7.84 21.71
N ASN D 103 -14.35 8.15 20.60
CA ASN D 103 -13.63 8.70 19.44
C ASN D 103 -13.74 10.21 19.33
N ASN D 104 -14.51 10.86 20.20
CA ASN D 104 -14.82 12.29 20.08
C ASN D 104 -15.19 12.68 18.62
N ALA D 105 -15.94 11.79 17.97
CA ALA D 105 -16.30 12.00 16.57
C ALA D 105 -17.20 13.24 16.49
N GLN D 106 -16.83 14.19 15.65
CA GLN D 106 -17.69 15.36 15.42
C GLN D 106 -18.79 15.06 14.41
N LEU D 107 -18.61 13.98 13.64
CA LEU D 107 -19.59 13.57 12.68
C LEU D 107 -19.96 12.10 12.78
N ILE D 108 -21.19 11.80 12.34
CA ILE D 108 -21.55 10.43 12.01
C ILE D 108 -22.16 10.35 10.63
N GLY D 109 -21.93 9.21 9.99
CA GLY D 109 -22.68 8.80 8.82
C GLY D 109 -23.83 7.88 9.22
N ILE D 110 -24.97 8.04 8.56
CA ILE D 110 -26.10 7.15 8.67
C ILE D 110 -26.55 6.73 7.29
N GLY D 111 -26.75 5.42 7.12
CA GLY D 111 -27.34 4.86 5.91
C GLY D 111 -28.87 4.89 5.98
N GLY D 112 -29.47 5.80 5.24
CA GLY D 112 -30.93 5.91 5.14
C GLY D 112 -31.64 4.63 4.71
N ARG D 113 -30.99 3.85 3.86
CA ARG D 113 -31.57 2.58 3.41
C ARG D 113 -31.47 1.48 4.45
N MET D 114 -30.73 1.71 5.53
CA MET D 114 -30.46 0.68 6.51
C MET D 114 -31.35 0.72 7.75
N HIS D 115 -32.11 1.81 7.94
CA HIS D 115 -32.82 2.03 9.20
C HIS D 115 -34.22 2.56 8.94
N THR D 116 -35.13 2.30 9.88
CA THR D 116 -36.43 3.01 9.91
C THR D 116 -36.15 4.46 10.33
N VAL D 117 -37.09 5.35 10.06
CA VAL D 117 -36.94 6.76 10.48
C VAL D 117 -36.80 6.79 11.97
N ALA D 118 -37.58 5.96 12.67
CA ALA D 118 -37.58 5.95 14.15
C ALA D 118 -36.22 5.48 14.72
N GLU D 119 -35.67 4.43 14.14
CA GLU D 119 -34.32 4.00 14.45
C GLU D 119 -33.26 5.09 14.18
N ALA D 120 -33.38 5.74 13.03
CA ALA D 120 -32.44 6.80 12.67
C ALA D 120 -32.50 7.96 13.67
N LEU D 121 -33.71 8.34 14.08
CA LEU D 121 -33.85 9.44 15.03
C LEU D 121 -33.30 9.10 16.42
N ALA D 122 -33.38 7.83 16.80
CA ALA D 122 -32.81 7.34 18.06
C ALA D 122 -31.29 7.42 17.99
N ILE D 123 -30.75 7.05 16.83
CA ILE D 123 -29.30 7.17 16.60
C ILE D 123 -28.87 8.63 16.76
N VAL D 124 -29.59 9.54 16.10
CA VAL D 124 -29.34 10.98 16.18
C VAL D 124 -29.37 11.48 17.62
N ASP D 125 -30.45 11.15 18.36
CA ASP D 125 -30.56 11.55 19.79
C ASP D 125 -29.33 11.14 20.60
N ALA D 126 -28.92 9.88 20.43
CA ALA D 126 -27.76 9.36 21.15
C ALA D 126 -26.51 10.16 20.77
N PHE D 127 -26.34 10.44 19.48
CA PHE D 127 -25.18 11.26 19.00
C PHE D 127 -25.11 12.68 19.60
N VAL D 128 -26.23 13.41 19.56
CA VAL D 128 -26.22 14.81 19.96
C VAL D 128 -26.27 15.01 21.47
N THR D 129 -26.52 13.94 22.23
CA THR D 129 -26.60 14.02 23.72
C THR D 129 -25.52 13.28 24.51
N THR D 130 -24.65 12.50 23.85
CA THR D 130 -23.58 11.79 24.53
C THR D 130 -22.31 12.65 24.56
N PRO D 131 -21.80 12.95 25.78
CA PRO D 131 -20.56 13.72 25.89
C PRO D 131 -19.34 12.89 25.54
N TRP D 132 -18.32 13.59 25.05
CA TRP D 132 -16.96 13.11 24.93
C TRP D 132 -16.43 12.81 26.36
N SER D 133 -15.86 11.63 26.55
CA SER D 133 -15.41 11.21 27.89
C SER D 133 -14.18 11.98 28.37
N LYS D 134 -13.30 12.34 27.42
CA LYS D 134 -12.00 12.96 27.70
C LYS D 134 -11.02 12.02 28.38
N ALA D 135 -11.29 10.73 28.38
CA ALA D 135 -10.42 9.78 29.08
C ALA D 135 -9.03 9.76 28.41
N GLN D 136 -8.00 9.54 29.22
CA GLN D 136 -6.61 9.63 28.75
C GLN D 136 -6.29 8.79 27.53
N ARG D 137 -6.70 7.53 27.54
CA ARG D 137 -6.33 6.64 26.44
C ARG D 137 -6.97 7.05 25.12
N HIS D 138 -8.21 7.54 25.18
CA HIS D 138 -8.93 7.96 23.98
C HIS D 138 -8.27 9.20 23.39
N GLN D 139 -7.91 10.15 24.27
CA GLN D 139 -7.21 11.36 23.85
C GLN D 139 -5.84 11.03 23.24
N ARG D 140 -5.09 10.13 23.88
CA ARG D 140 -3.81 9.66 23.32
C ARG D 140 -3.99 9.09 21.87
N ARG D 141 -5.03 8.27 21.70
CA ARG D 141 -5.28 7.63 20.40
C ARG D 141 -5.65 8.65 19.31
N ILE D 142 -6.49 9.61 19.69
CA ILE D 142 -6.84 10.73 18.83
C ILE D 142 -5.58 11.54 18.43
N ASP D 143 -4.72 11.81 19.41
CA ASP D 143 -3.47 12.52 19.18
C ASP D 143 -2.50 11.79 18.24
N ILE D 144 -2.43 10.47 18.37
CA ILE D 144 -1.59 9.68 17.49
C ILE D 144 -2.11 9.85 16.05
N LEU D 145 -3.43 9.79 15.88
CA LEU D 145 -4.02 9.88 14.56
C LEU D 145 -3.84 11.28 13.99
N ALA D 146 -4.03 12.30 14.82
CA ALA D 146 -3.88 13.69 14.40
C ALA D 146 -2.44 14.00 13.95
N GLU D 147 -1.45 13.39 14.62
CA GLU D 147 -0.07 13.52 14.21
C GLU D 147 0.19 12.82 12.89
N TYR D 148 -0.38 11.62 12.70
CA TYR D 148 -0.26 10.97 11.40
C TYR D 148 -0.90 11.81 10.28
N GLU D 149 -2.06 12.39 10.54
CA GLU D 149 -2.70 13.26 9.57
C GLU D 149 -1.81 14.45 9.18
N ARG D 150 -1.09 15.00 10.14
CA ARG D 150 -0.19 16.14 9.91
C ARG D 150 1.06 15.76 9.08
N THR D 151 1.65 14.61 9.33
CA THR D 151 2.92 14.23 8.71
C THR D 151 2.85 13.13 7.65
N HIS D 152 1.81 12.30 7.72
CA HIS D 152 1.72 11.01 7.00
C HIS D 152 2.93 10.11 7.21
N GLU D 153 3.52 10.17 8.39
CA GLU D 153 4.49 9.19 8.81
C GLU D 153 3.82 8.16 9.70
N ALA D 154 3.66 6.97 9.15
CA ALA D 154 3.02 5.85 9.82
C ALA D 154 3.76 5.56 11.12
N PRO D 155 3.02 5.58 12.25
CA PRO D 155 3.70 5.28 13.51
C PRO D 155 4.22 3.84 13.60
N PRO D 156 5.28 3.62 14.42
CA PRO D 156 5.82 2.27 14.53
C PRO D 156 4.82 1.32 15.21
N VAL D 157 4.80 0.07 14.78
CA VAL D 157 4.10 -0.98 15.50
C VAL D 157 5.16 -1.85 16.21
N PRO D 158 4.89 -2.27 17.45
CA PRO D 158 5.82 -3.26 18.05
C PRO D 158 5.93 -4.59 17.25
N GLY D 159 6.94 -5.40 17.54
N GLY E 3 16.51 8.61 33.72
CA GLY E 3 16.39 7.44 34.67
C GLY E 3 15.75 6.21 34.03
N MET E 4 16.58 5.20 33.76
CA MET E 4 16.12 3.91 33.17
C MET E 4 15.55 2.95 34.21
N ARG E 5 14.43 2.31 33.88
CA ARG E 5 13.98 1.10 34.57
C ARG E 5 14.79 -0.08 34.05
N VAL E 6 15.34 -0.89 34.96
CA VAL E 6 16.22 -1.99 34.60
C VAL E 6 15.80 -3.28 35.34
N TYR E 7 15.33 -4.27 34.58
CA TYR E 7 14.99 -5.54 35.15
C TYR E 7 16.26 -6.37 35.26
N LEU E 8 16.53 -6.87 36.47
CA LEU E 8 17.74 -7.66 36.67
C LEU E 8 17.41 -9.11 37.04
N GLY E 9 18.21 -10.03 36.49
CA GLY E 9 18.02 -11.47 36.68
C GLY E 9 19.40 -12.08 36.88
N ALA E 10 19.54 -12.95 37.88
CA ALA E 10 20.84 -13.65 38.09
C ALA E 10 20.65 -15.04 38.71
N ASP E 11 21.53 -15.97 38.35
CA ASP E 11 21.67 -17.20 39.13
C ASP E 11 22.71 -16.96 40.23
N HIS E 12 23.05 -18.03 40.95
CA HIS E 12 24.05 -17.99 42.03
C HIS E 12 25.39 -17.35 41.68
N ALA E 13 25.89 -17.63 40.47
CA ALA E 13 27.20 -17.18 40.03
C ALA E 13 27.18 -15.67 39.70
N GLY E 14 25.97 -15.14 39.47
CA GLY E 14 25.79 -13.70 39.21
C GLY E 14 25.20 -12.94 40.37
N TYR E 15 24.83 -13.67 41.42
CA TYR E 15 24.01 -13.12 42.51
C TYR E 15 24.66 -11.91 43.20
N GLU E 16 25.93 -12.07 43.59
CA GLU E 16 26.65 -11.02 44.30
C GLU E 16 26.84 -9.80 43.40
N LEU E 17 27.23 -10.03 42.14
CA LEU E 17 27.33 -8.92 41.17
C LEU E 17 26.01 -8.18 40.99
N LYS E 18 24.92 -8.94 40.89
CA LYS E 18 23.60 -8.35 40.75
C LYS E 18 23.29 -7.37 41.89
N GLN E 19 23.60 -7.78 43.12
CA GLN E 19 23.33 -6.94 44.28
C GLN E 19 24.07 -5.61 44.17
N ARG E 20 25.34 -5.65 43.77
CA ARG E 20 26.15 -4.45 43.55
C ARG E 20 25.62 -3.57 42.43
N ILE E 21 25.16 -4.19 41.35
CA ILE E 21 24.53 -3.46 40.26
C ILE E 21 23.23 -2.81 40.70
N ILE E 22 22.45 -3.48 41.54
CA ILE E 22 21.22 -2.87 42.04
C ILE E 22 21.56 -1.62 42.87
N GLU E 23 22.55 -1.78 43.75
CA GLU E 23 23.10 -0.68 44.54
C GLU E 23 23.51 0.49 43.64
N HIS E 24 24.36 0.19 42.65
CA HIS E 24 24.95 1.18 41.76
C HIS E 24 23.92 1.91 40.93
N LEU E 25 22.85 1.21 40.54
CA LEU E 25 21.78 1.78 39.70
C LEU E 25 20.88 2.71 40.50
N LYS E 26 20.47 2.27 41.69
CA LYS E 26 19.75 3.13 42.64
C LYS E 26 20.51 4.45 42.85
N GLN E 27 21.81 4.33 43.08
CA GLN E 27 22.65 5.49 43.39
C GLN E 27 23.01 6.36 42.19
N THR E 28 22.81 5.87 40.96
CA THR E 28 23.06 6.68 39.78
C THR E 28 21.75 7.13 39.11
N GLY E 29 20.63 7.01 39.83
CA GLY E 29 19.37 7.62 39.41
C GLY E 29 18.42 6.74 38.63
N HIS E 30 18.66 5.43 38.65
CA HIS E 30 17.84 4.49 37.89
C HIS E 30 16.89 3.72 38.79
N GLU E 31 16.07 2.87 38.19
CA GLU E 31 15.11 2.07 38.91
C GLU E 31 15.33 0.57 38.66
N PRO E 32 16.24 -0.05 39.44
CA PRO E 32 16.47 -1.49 39.21
C PRO E 32 15.33 -2.32 39.77
N ILE E 33 14.89 -3.34 39.04
CA ILE E 33 13.83 -4.22 39.53
C ILE E 33 14.37 -5.65 39.58
N ASP E 34 14.35 -6.25 40.77
CA ASP E 34 14.98 -7.56 40.98
C ASP E 34 14.05 -8.71 40.65
N CYS E 35 14.37 -9.44 39.58
CA CYS E 35 13.57 -10.61 39.20
C CYS E 35 14.04 -11.90 39.85
N GLY E 36 15.06 -11.82 40.71
CA GLY E 36 15.64 -13.05 41.30
C GLY E 36 16.94 -13.43 40.61
N ALA E 37 17.77 -14.30 41.19
CA ALA E 37 17.53 -14.92 42.50
C ALA E 37 17.65 -13.91 43.66
N LEU E 38 16.81 -14.09 44.66
CA LEU E 38 16.78 -13.20 45.82
C LEU E 38 17.62 -13.73 46.99
N ARG E 39 18.24 -14.90 46.80
CA ARG E 39 19.20 -15.45 47.75
C ARG E 39 20.26 -16.27 47.00
N TYR E 40 21.42 -16.44 47.60
CA TYR E 40 22.42 -17.37 47.03
C TYR E 40 21.98 -18.82 47.24
N ASP E 41 21.78 -19.51 46.13
CA ASP E 41 21.55 -20.95 46.13
C ASP E 41 22.49 -21.53 45.07
N ALA E 42 23.55 -22.18 45.57
CA ALA E 42 24.65 -22.68 44.74
C ALA E 42 24.23 -23.53 43.58
N ASP E 43 23.06 -24.15 43.68
CA ASP E 43 22.66 -25.15 42.71
C ASP E 43 21.59 -24.65 41.72
N ASP E 44 21.18 -23.38 41.87
CA ASP E 44 20.07 -22.86 41.07
C ASP E 44 20.39 -22.72 39.58
N ASP E 45 19.32 -22.60 38.79
CA ASP E 45 19.38 -22.76 37.36
C ASP E 45 19.06 -21.44 36.67
N TYR E 46 20.03 -20.89 35.95
CA TYR E 46 19.88 -19.54 35.36
C TYR E 46 18.63 -19.29 34.46
N PRO E 47 18.18 -20.29 33.66
CA PRO E 47 17.14 -19.92 32.64
C PRO E 47 15.87 -19.20 33.13
N ALA E 48 15.28 -19.64 34.23
CA ALA E 48 14.07 -18.99 34.76
C ALA E 48 14.27 -17.50 35.07
N PHE E 49 15.42 -17.14 35.66
CA PHE E 49 15.68 -15.74 36.02
C PHE E 49 15.94 -14.89 34.77
N CYS E 50 16.62 -15.49 33.79
CA CYS E 50 16.96 -14.80 32.54
C CYS E 50 15.70 -14.54 31.69
N ILE E 51 14.87 -15.56 31.56
CA ILE E 51 13.57 -15.46 30.86
C ILE E 51 12.65 -14.49 31.59
N ALA E 52 12.68 -14.52 32.92
CA ALA E 52 11.87 -13.59 33.72
C ALA E 52 12.26 -12.14 33.45
N ALA E 53 13.57 -11.83 33.52
CA ALA E 53 14.08 -10.49 33.20
C ALA E 53 13.74 -10.08 31.74
N ALA E 54 13.95 -10.96 30.77
CA ALA E 54 13.74 -10.62 29.37
C ALA E 54 12.24 -10.41 29.06
N THR E 55 11.41 -11.32 29.57
CA THR E 55 9.96 -11.22 29.42
C THR E 55 9.44 -9.87 29.94
N ARG E 56 9.93 -9.45 31.12
CA ARG E 56 9.45 -8.20 31.71
C ARG E 56 9.93 -6.97 30.95
N THR E 57 11.17 -7.02 30.49
CA THR E 57 11.77 -5.93 29.70
C THR E 57 11.03 -5.72 28.38
N VAL E 58 10.76 -6.80 27.67
CA VAL E 58 10.08 -6.74 26.37
C VAL E 58 8.63 -6.27 26.58
N ALA E 59 8.01 -6.71 27.67
CA ALA E 59 6.64 -6.30 28.03
C ALA E 59 6.51 -4.86 28.55
N ASP E 60 7.65 -4.20 28.74
CA ASP E 60 7.71 -2.86 29.31
C ASP E 60 8.60 -1.97 28.43
N PRO E 61 8.08 -1.55 27.25
CA PRO E 61 8.89 -0.80 26.28
C PRO E 61 9.54 0.44 26.89
N GLY E 62 10.82 0.66 26.57
CA GLY E 62 11.57 1.76 27.15
C GLY E 62 12.41 1.34 28.36
N SER E 63 12.15 0.15 28.89
CA SER E 63 12.96 -0.40 29.97
C SER E 63 14.15 -1.16 29.38
N LEU E 64 15.11 -1.43 30.24
CA LEU E 64 16.26 -2.25 29.89
C LEU E 64 16.35 -3.44 30.84
N GLY E 65 17.19 -4.40 30.51
CA GLY E 65 17.37 -5.59 31.31
C GLY E 65 18.80 -6.04 31.32
N ILE E 66 19.21 -6.67 32.42
CA ILE E 66 20.56 -7.22 32.56
C ILE E 66 20.47 -8.61 33.19
N VAL E 67 21.07 -9.59 32.56
CA VAL E 67 21.07 -10.94 33.05
C VAL E 67 22.51 -11.33 33.44
N LEU E 68 22.67 -11.96 34.59
CA LEU E 68 24.01 -12.17 35.15
C LEU E 68 24.21 -13.62 35.56
N GLY E 69 25.33 -14.18 35.17
CA GLY E 69 25.74 -15.49 35.67
C GLY E 69 27.23 -15.56 35.70
N GLY E 70 27.78 -16.76 35.52
CA GLY E 70 29.23 -17.00 35.55
C GLY E 70 29.93 -16.53 34.29
N SER E 71 29.51 -17.07 33.15
CA SER E 71 30.14 -16.80 31.87
C SER E 71 29.44 -15.72 31.02
N GLY E 72 28.15 -15.51 31.26
CA GLY E 72 27.35 -14.57 30.48
C GLY E 72 26.61 -15.19 29.30
N ASN E 73 27.18 -16.25 28.74
CA ASN E 73 26.67 -16.80 27.50
C ASN E 73 25.39 -17.60 27.59
N GLY E 74 25.30 -18.50 28.58
CA GLY E 74 24.04 -19.24 28.79
C GLY E 74 22.89 -18.28 29.05
N GLU E 75 23.20 -17.24 29.81
CA GLU E 75 22.23 -16.23 30.23
C GLU E 75 21.69 -15.41 29.04
N GLN E 76 22.56 -14.95 28.14
CA GLN E 76 22.09 -14.23 26.92
C GLN E 76 21.35 -15.19 25.97
N ILE E 77 21.84 -16.41 25.86
CA ILE E 77 21.16 -17.44 25.05
C ILE E 77 19.71 -17.58 25.53
N ALA E 78 19.52 -17.73 26.84
CA ALA E 78 18.18 -17.87 27.43
C ALA E 78 17.31 -16.63 27.17
N ALA E 79 17.86 -15.44 27.45
CA ALA E 79 17.16 -14.19 27.18
C ALA E 79 16.75 -14.09 25.71
N ASN E 80 17.60 -14.50 24.78
CA ASN E 80 17.25 -14.40 23.36
C ASN E 80 16.15 -15.36 22.88
N LYS E 81 15.78 -16.33 23.70
CA LYS E 81 14.68 -17.21 23.36
C LYS E 81 13.33 -16.55 23.62
N VAL E 82 13.32 -15.44 24.35
CA VAL E 82 12.09 -14.73 24.65
C VAL E 82 11.68 -13.89 23.40
N PRO E 83 10.47 -14.12 22.87
CA PRO E 83 10.03 -13.42 21.66
C PRO E 83 10.15 -11.92 21.82
N GLY E 84 10.82 -11.28 20.86
CA GLY E 84 11.00 -9.84 20.86
C GLY E 84 12.26 -9.33 21.56
N ALA E 85 12.95 -10.20 22.29
CA ALA E 85 14.11 -9.80 23.07
C ALA E 85 15.35 -9.84 22.19
N ARG E 86 16.24 -8.87 22.41
CA ARG E 86 17.56 -8.88 21.81
C ARG E 86 18.55 -8.67 22.96
N CYS E 87 19.31 -9.74 23.26
CA CYS E 87 20.25 -9.74 24.38
C CYS E 87 21.67 -9.90 23.85
N ALA E 88 22.45 -8.84 23.96
CA ALA E 88 23.88 -8.85 23.64
C ALA E 88 24.69 -9.39 24.83
N LEU E 89 25.83 -10.01 24.53
CA LEU E 89 26.83 -10.32 25.55
C LEU E 89 27.77 -9.10 25.67
N ALA E 90 27.77 -8.48 26.85
CA ALA E 90 28.55 -7.27 27.06
C ALA E 90 29.79 -7.71 27.79
N TRP E 91 30.92 -7.70 27.09
CA TRP E 91 32.21 -8.03 27.70
C TRP E 91 33.16 -6.83 27.83
N SER E 92 32.69 -5.65 27.40
CA SER E 92 33.47 -4.42 27.46
C SER E 92 32.56 -3.20 27.43
N VAL E 93 33.14 -2.04 27.68
CA VAL E 93 32.39 -0.81 27.56
C VAL E 93 31.98 -0.63 26.10
N GLN E 94 32.87 -0.93 25.17
CA GLN E 94 32.56 -0.80 23.75
C GLN E 94 31.39 -1.69 23.34
N THR E 95 31.42 -2.96 23.76
CA THR E 95 30.36 -3.89 23.34
C THR E 95 29.01 -3.57 23.98
N ALA E 96 29.00 -3.08 25.23
CA ALA E 96 27.78 -2.60 25.86
C ALA E 96 27.17 -1.41 25.08
N ALA E 97 28.02 -0.44 24.71
CA ALA E 97 27.60 0.74 23.92
C ALA E 97 27.07 0.34 22.52
N LEU E 98 27.80 -0.49 21.78
CA LEU E 98 27.37 -0.96 20.45
C LEU E 98 26.08 -1.79 20.51
N ALA E 99 25.91 -2.60 21.55
CA ALA E 99 24.65 -3.34 21.76
C ALA E 99 23.46 -2.38 21.68
N ARG E 100 23.55 -1.24 22.35
CA ARG E 100 22.46 -0.24 22.27
C ARG E 100 22.45 0.46 20.90
N GLU E 101 23.61 1.00 20.52
CA GLU E 101 23.71 1.90 19.36
C GLU E 101 23.37 1.18 18.02
N HIS E 102 23.88 -0.05 17.86
CA HIS E 102 23.70 -0.83 16.65
C HIS E 102 22.56 -1.86 16.67
N ASN E 103 22.36 -2.53 17.82
CA ASN E 103 21.41 -3.65 17.88
C ASN E 103 20.11 -3.27 18.56
N ASN E 104 20.02 -2.04 19.08
CA ASN E 104 18.93 -1.66 19.98
C ASN E 104 18.59 -2.76 20.99
N ALA E 105 19.62 -3.35 21.58
CA ALA E 105 19.46 -4.48 22.51
C ALA E 105 18.76 -3.96 23.77
N GLN E 106 17.69 -4.61 24.18
CA GLN E 106 17.04 -4.20 25.40
C GLN E 106 17.75 -4.81 26.60
N LEU E 107 18.48 -5.91 26.36
CA LEU E 107 19.19 -6.61 27.42
C LEU E 107 20.66 -6.82 27.11
N ILE E 108 21.46 -6.90 28.16
CA ILE E 108 22.79 -7.44 28.06
C ILE E 108 22.99 -8.57 29.05
N GLY E 109 23.79 -9.55 28.67
CA GLY E 109 24.29 -10.56 29.58
C GLY E 109 25.70 -10.13 30.02
N ILE E 110 26.03 -10.35 31.29
CA ILE E 110 27.41 -10.12 31.81
C ILE E 110 27.86 -11.35 32.57
N GLY E 111 29.05 -11.87 32.24
CA GLY E 111 29.67 -12.99 32.94
C GLY E 111 30.39 -12.49 34.19
N GLY E 112 29.77 -12.68 35.35
CA GLY E 112 30.34 -12.23 36.64
C GLY E 112 31.72 -12.77 36.98
N ARG E 113 32.07 -13.96 36.45
CA ARG E 113 33.38 -14.57 36.64
C ARG E 113 34.44 -14.02 35.67
N MET E 114 34.04 -13.12 34.78
CA MET E 114 34.93 -12.62 33.73
C MET E 114 35.47 -11.20 33.98
N HIS E 115 34.91 -10.49 34.95
CA HIS E 115 35.23 -9.07 35.20
C HIS E 115 35.26 -8.71 36.68
N THR E 116 36.10 -7.74 37.03
CA THR E 116 36.05 -7.10 38.32
C THR E 116 34.73 -6.36 38.47
N VAL E 117 34.32 -6.09 39.71
CA VAL E 117 33.15 -5.28 39.95
C VAL E 117 33.26 -3.90 39.25
N ALA E 118 34.48 -3.35 39.19
CA ALA E 118 34.69 -2.03 38.54
C ALA E 118 34.42 -2.08 37.04
N GLU E 119 34.96 -3.11 36.38
CA GLU E 119 34.75 -3.33 34.95
C GLU E 119 33.26 -3.56 34.66
N ALA E 120 32.59 -4.36 35.50
CA ALA E 120 31.16 -4.64 35.34
C ALA E 120 30.32 -3.37 35.47
N LEU E 121 30.62 -2.55 36.46
CA LEU E 121 29.83 -1.33 36.67
C LEU E 121 30.02 -0.30 35.52
N ALA E 122 31.22 -0.25 34.94
CA ALA E 122 31.50 0.53 33.73
C ALA E 122 30.70 0.00 32.53
N ILE E 123 30.60 -1.32 32.43
CA ILE E 123 29.83 -1.96 31.35
C ILE E 123 28.36 -1.54 31.49
N VAL E 124 27.83 -1.62 32.71
CA VAL E 124 26.46 -1.23 33.01
C VAL E 124 26.19 0.26 32.68
N ASP E 125 27.13 1.12 33.08
CA ASP E 125 27.07 2.56 32.76
C ASP E 125 26.95 2.81 31.25
N ALA E 126 27.81 2.17 30.46
CA ALA E 126 27.78 2.26 29.00
C ALA E 126 26.43 1.77 28.44
N PHE E 127 25.92 0.68 28.99
CA PHE E 127 24.61 0.14 28.59
C PHE E 127 23.43 1.05 28.91
N VAL E 128 23.37 1.63 30.11
CA VAL E 128 22.17 2.37 30.48
C VAL E 128 22.20 3.84 30.00
N THR E 129 23.32 4.29 29.45
CA THR E 129 23.41 5.67 28.97
C THR E 129 23.66 5.83 27.46
N THR E 130 23.94 4.75 26.73
CA THR E 130 24.18 4.84 25.28
C THR E 130 22.82 4.78 24.55
N PRO E 131 22.53 5.80 23.70
CA PRO E 131 21.27 5.78 22.97
C PRO E 131 21.31 4.86 21.75
N TRP E 132 20.16 4.30 21.44
CA TRP E 132 19.92 3.64 20.16
C TRP E 132 20.01 4.66 19.04
N SER E 133 20.78 4.36 18.00
CA SER E 133 21.03 5.32 16.91
C SER E 133 19.81 5.59 16.04
N LYS E 134 18.96 4.58 15.86
CA LYS E 134 17.85 4.62 14.92
C LYS E 134 18.30 4.65 13.45
N ALA E 135 19.56 4.34 13.15
CA ALA E 135 20.04 4.36 11.78
C ALA E 135 19.31 3.33 10.93
N GLN E 136 19.03 3.71 9.68
CA GLN E 136 18.22 2.89 8.78
C GLN E 136 18.68 1.45 8.62
N ARG E 137 19.98 1.22 8.44
CA ARG E 137 20.47 -0.13 8.16
C ARG E 137 20.34 -1.02 9.37
N HIS E 138 20.54 -0.44 10.56
CA HIS E 138 20.41 -1.18 11.81
C HIS E 138 18.94 -1.54 12.03
N GLN E 139 18.05 -0.55 11.84
CA GLN E 139 16.62 -0.78 11.92
C GLN E 139 16.17 -1.88 10.93
N ARG E 140 16.69 -1.85 9.70
CA ARG E 140 16.33 -2.86 8.69
C ARG E 140 16.71 -4.27 9.17
N ARG E 141 17.91 -4.40 9.74
CA ARG E 141 18.40 -5.71 10.17
C ARG E 141 17.59 -6.25 11.35
N ILE E 142 17.28 -5.39 12.31
CA ILE E 142 16.38 -5.74 13.42
C ILE E 142 14.98 -6.16 12.92
N ASP E 143 14.47 -5.46 11.91
CA ASP E 143 13.18 -5.79 11.27
C ASP E 143 13.19 -7.12 10.56
N ILE E 144 14.26 -7.42 9.85
CA ILE E 144 14.42 -8.71 9.18
C ILE E 144 14.37 -9.83 10.21
N LEU E 145 15.11 -9.64 11.30
CA LEU E 145 15.11 -10.62 12.39
C LEU E 145 13.73 -10.78 13.06
N ALA E 146 13.07 -9.66 13.35
CA ALA E 146 11.74 -9.71 13.93
C ALA E 146 10.77 -10.49 13.02
N GLU E 147 10.85 -10.27 11.71
CA GLU E 147 10.02 -10.98 10.74
C GLU E 147 10.31 -12.48 10.77
N TYR E 148 11.58 -12.85 10.86
CA TYR E 148 11.92 -14.28 10.98
C TYR E 148 11.36 -14.84 12.31
N GLU E 149 11.45 -14.06 13.39
CA GLU E 149 10.93 -14.52 14.66
C GLU E 149 9.40 -14.76 14.57
N ARG E 150 8.73 -13.92 13.79
CA ARG E 150 7.29 -13.99 13.60
C ARG E 150 6.87 -15.24 12.78
N THR E 151 7.65 -15.59 11.76
CA THR E 151 7.23 -16.61 10.75
C THR E 151 8.10 -17.86 10.69
N HIS E 152 9.31 -17.77 11.24
CA HIS E 152 10.34 -18.81 11.08
C HIS E 152 10.62 -19.21 9.64
N GLU E 153 10.37 -18.30 8.71
CA GLU E 153 10.73 -18.49 7.30
C GLU E 153 12.09 -17.82 7.12
N ALA E 154 13.12 -18.62 6.90
CA ALA E 154 14.47 -18.10 6.77
C ALA E 154 14.53 -17.14 5.57
N PRO E 155 15.06 -15.93 5.80
CA PRO E 155 15.23 -15.07 4.64
C PRO E 155 16.22 -15.64 3.62
N PRO E 156 16.03 -15.31 2.34
CA PRO E 156 16.88 -15.86 1.29
C PRO E 156 18.25 -15.22 1.33
N VAL E 157 19.28 -16.00 1.01
CA VAL E 157 20.63 -15.47 0.89
C VAL E 157 20.89 -15.26 -0.61
N PRO E 158 21.39 -14.08 -1.01
CA PRO E 158 21.53 -13.71 -2.43
C PRO E 158 22.09 -14.81 -3.35
C1 A6P F . 18.19 -0.27 -19.95
C2 A6P F . 16.76 -0.03 -19.39
C3 A6P F . 16.62 1.36 -18.77
C4 A6P F . 17.81 1.77 -17.89
C5 A6P F . 19.14 1.50 -18.60
C6 A6P F . 20.31 1.76 -17.65
O1 A6P F . 18.39 0.43 -21.18
O2 A6P F . 15.71 -0.17 -20.38
O3 A6P F . 16.34 2.36 -19.79
O4 A6P F . 17.72 3.17 -17.60
O5 A6P F . 19.19 0.14 -19.02
O6 A6P F . 21.53 1.50 -18.37
P A6P F . 22.98 1.82 -17.72
O1P A6P F . 22.97 3.30 -17.42
O2P A6P F . 23.06 0.99 -16.50
O3P A6P F . 24.00 1.47 -18.78
C1 A6P G . -4.96 1.15 -29.87
C2 A6P G . -4.07 0.02 -29.33
C3 A6P G . -3.70 -0.99 -30.42
C4 A6P G . -4.88 -1.36 -31.35
C5 A6P G . -5.65 -0.12 -31.80
C6 A6P G . -6.92 -0.51 -32.56
O1 A6P G . -4.17 2.03 -30.69
O2 A6P G . -2.84 0.55 -28.81
O3 A6P G . -2.61 -0.42 -31.19
O4 A6P G . -4.41 -2.05 -32.53
O5 A6P G . -6.05 0.66 -30.66
O6 A6P G . -7.58 0.69 -33.01
P A6P G . -8.92 0.59 -33.90
O1P A6P G . -8.48 -0.11 -35.17
O2P A6P G . -9.94 -0.16 -33.16
O3P A6P G . -9.20 2.07 -34.13
C1 A6P H . -12.72 2.77 20.76
C2 A6P H . -12.19 2.58 19.32
C3 A6P H . -11.68 1.16 19.04
C4 A6P H . -10.84 0.60 20.16
C5 A6P H . -11.51 0.83 21.51
C6 A6P H . -10.59 0.35 22.61
O1 A6P H . -14.03 2.16 20.89
O2 A6P H . -13.25 2.92 18.41
O3 A6P H . -12.80 0.29 18.79
O4 A6P H . -10.62 -0.80 19.95
O5 A6P H . -11.81 2.23 21.72
O6 A6P H . -11.25 0.48 23.88
P A6P H . -10.51 0.01 25.24
O1P A6P H . -10.29 -1.49 25.19
O2P A6P H . -9.23 0.76 25.34
O3P A6P H . -11.55 0.30 26.32
C1 A6P I . -23.11 4.18 -2.05
C2 A6P I . -22.59 5.21 -1.04
C3 A6P I . -23.68 6.18 -0.54
C4 A6P I . -24.61 6.68 -1.64
C5 A6P I . -25.04 5.51 -2.53
C6 A6P I . -25.80 6.07 -3.72
O1 A6P I . -23.93 3.20 -1.40
O2 A6P I . -21.98 4.57 0.09
O3 A6P I . -24.41 5.55 0.51
O4 A6P I . -25.76 7.35 -1.10
O5 A6P I . -23.89 4.82 -3.05
O6 A6P I . -26.38 4.98 -4.45
P A6P I . -27.30 5.29 -5.69
O1P A6P I . -28.54 6.02 -5.20
O2P A6P I . -26.58 6.15 -6.65
O3P A6P I . -27.69 3.90 -6.20
C1 A6P J . 27.30 -21.69 32.52
C2 A6P J . 26.28 -20.62 32.10
C3 A6P J . 26.05 -19.54 33.15
C4 A6P J . 25.90 -20.14 34.54
C5 A6P J . 27.07 -21.07 34.84
C6 A6P J . 26.89 -21.66 36.24
O1 A6P J . 28.64 -21.18 32.45
O2 A6P J . 26.66 -19.98 30.87
O3 A6P J . 27.09 -18.55 33.10
O4 A6P J . 25.85 -19.11 35.53
O5 A6P J . 27.05 -22.13 33.87
O6 A6P J . 27.92 -22.64 36.49
P A6P J . 28.00 -23.41 37.90
O1P A6P J . 28.04 -22.34 38.95
O2P A6P J . 26.74 -24.25 38.02
O3P A6P J . 29.29 -24.17 37.78
#